data_7NA7
#
_entry.id   7NA7
#
loop_
_entity.id
_entity.type
_entity.pdbx_description
1 polymer 'Guanine nucleotide-binding protein G(i) subunit alpha-1'
2 polymer 'Guanine nucleotide-binding protein G(I)/G(S)/G(T) subunit beta-1'
3 polymer 'Guanine nucleotide-binding protein G(I)/G(S)/G(O) subunit gamma-2'
4 polymer 'Antibody fragment'
5 polymer 'Growth hormone secretagogue receptor type 1'
6 polymer Ghrelin-27
7 non-polymer CHOLESTEROL
#
loop_
_entity_poly.entity_id
_entity_poly.type
_entity_poly.pdbx_seq_one_letter_code
_entity_poly.pdbx_strand_id
1 'polypeptide(L)'
;MGCTLSAEDKAAVERSKMIDRNLREDGEKAAREVKLLLLGAGESGKSTIVKQMKIIHEAGYSEEECKQYKAVVYSNTIQS
IIAIIRAMGRLKIDFGDSARADDARQLFVLAGAAEEGFMTAELAGVIKRLWKDSGVQACFNRSREYQLNDSAAYYLNDLD
RIAQPNYIPTQQDVLRTRVKTTGIVETHFTFKDLHFKMFDVGGQRSERKKWIHCFEGVTAIIFCVALSDYDLVLAEDEEM
NRMHESMKLFDSICNNKWFTDTSIILFLNKKDLFEEKIKKSPLTICYPEYAGSNTYEEAAAYIQCQFEDLNKRKDTKEIY
THFTCATETKNVQFVFDAVTDVIIKNNLKDCGLF
;
A
2 'polypeptide(L)'
;MSELDELRQEAEQLKNQIRDARKACADATLSQITNNIDPVGRIQMRTRRTLRGHLAKIYAMHWGTDSRLLVSASQDGKLI
IWDSYTTNKVHAIPLRSSWVMTCAYAPSGNYVACGGLDNICSIYNLKTRQGNVRVSRELAGHTGYLSCCRFLDDNQIVTS
SGDTTCALWDIETGQQTTTFTGHTGDVMSLSLAPDTRLFVSGACDASAKLWDVREGMCRQTFTGHESDINAICFFPDGNA
FATGSDDATCRLFDLRADQELMTYSHDNIICGITSVSFSKSGRLLLAGYDDFNCNVWDALKADRAGVLAGHDNRVSCLGV
TDDGMAVATGSWDSFLKIWN
;
B
3 'polypeptide(L)' MASNNTASIAQARKLVQQLKMEANIDRIKVSKAAADLMAYCEAHAKEDPLLTPVPASQNPFREKKFFCAIL G
4 'polypeptide(L)'
;VQLVESGGGLVQPGGSRKLSCSASGFAFSSFGMHWVRQAPEKGLEWVAYISSGSGTIYYADTVKGRFTISRDDPKNTLFL
QMTSLRSEDTAMYYCVRSIYYYGSSPFDFWGQGTTLTVSSGGGGSGGGGSGGGGSDIVMTQATSSVPVTPGESVSISCRS
SKSLLHSNGNTYLYWFLQRPGQSPQLLIYRMSNLASGVPERFSGSGSGTAFTLTISRLEAEDVGVYYCMQHLEYPLTFGA
GTKLEL
;
N
5 'polypeptide(L)'
;MWNATPSEEPGFNLTLADLDWDASPGNDSLGDELLQLFPAPLLAGVTATCVALFVVGIAGNLLTMLVVSRFRELRTTTNL
YLSSMAFSDLLIFLCMPLDLVRLWQYRPWNFGDLLCKLFQFVSESCTYAKVLTITALSVERYFAICFPLRAKVVVTKGRV
KLVIFVIWAVAFCSAGPIFVLVGVEHEQGTDPWDTNECRPTEFAVRSGLLTVMVWVSSIFFFLPVFCLTVLYSLIGRKLW
RRRRGDAVVGASLRDQNHKQTVKMLAVVVFAFILCWLPFHVGRYLFSKSFEPGSLEIAQISQYCNLVSFVLFYLSAAINP
ILYNIMSKKYRVAVFRLLGFEPFSQRKLSTLKDESSRAWTESSINT
;
R
6 'polypeptide(L)' GS(1IC)FLSPEHQRV L
#
# COMPACT_ATOMS: atom_id res chain seq x y z
N LEU A 5 -18.63 -21.23 -2.22
CA LEU A 5 -17.22 -21.07 -1.84
C LEU A 5 -17.04 -19.99 -0.78
N SER A 6 -18.03 -19.10 -0.66
CA SER A 6 -18.03 -18.07 0.36
C SER A 6 -19.45 -17.82 0.84
N ALA A 7 -19.58 -17.15 1.99
CA ALA A 7 -20.91 -16.87 2.56
C ALA A 7 -21.11 -15.44 3.08
N GLU A 8 -20.63 -15.11 4.29
CA GLU A 8 -20.58 -13.75 4.90
C GLU A 8 -19.13 -13.33 4.69
N ASP A 9 -18.41 -14.09 3.86
CA ASP A 9 -17.05 -13.75 3.42
C ASP A 9 -17.13 -12.89 2.19
N LYS A 10 -18.16 -13.00 1.35
CA LYS A 10 -18.38 -12.10 0.23
C LYS A 10 -18.62 -10.68 0.76
N ALA A 11 -19.34 -10.57 1.88
CA ALA A 11 -19.56 -9.27 2.51
C ALA A 11 -18.25 -8.70 3.05
N ALA A 12 -17.38 -9.56 3.58
CA ALA A 12 -16.08 -9.11 4.04
C ALA A 12 -15.23 -8.63 2.87
N VAL A 13 -15.30 -9.34 1.74
CA VAL A 13 -14.57 -8.93 0.55
C VAL A 13 -15.09 -7.60 0.05
N GLU A 14 -16.41 -7.41 0.12
CA GLU A 14 -17.02 -6.15 -0.30
C GLU A 14 -16.56 -5.00 0.61
N ARG A 15 -16.46 -5.27 1.92
CA ARG A 15 -15.94 -4.26 2.84
C ARG A 15 -14.49 -3.93 2.52
N SER A 16 -13.71 -4.96 2.20
CA SER A 16 -12.31 -4.75 1.87
C SER A 16 -12.16 -3.89 0.63
N LYS A 17 -12.98 -4.15 -0.40
CA LYS A 17 -12.93 -3.33 -1.60
C LYS A 17 -13.43 -1.91 -1.33
N MET A 18 -14.47 -1.74 -0.51
CA MET A 18 -14.93 -0.39 -0.25
C MET A 18 -13.87 0.44 0.46
N ILE A 19 -13.18 -0.17 1.43
CA ILE A 19 -12.14 0.57 2.12
C ILE A 19 -10.88 0.76 1.29
N ASP A 20 -10.52 -0.20 0.42
CA ASP A 20 -9.36 0.10 -0.44
C ASP A 20 -9.73 1.16 -1.47
N ARG A 21 -11.02 1.25 -1.82
CA ARG A 21 -11.46 2.33 -2.69
C ARG A 21 -11.27 3.68 -2.00
N ASN A 22 -11.63 3.73 -0.71
CA ASN A 22 -11.42 4.96 0.04
C ASN A 22 -9.93 5.26 0.18
N LEU A 23 -9.10 4.22 0.32
CA LEU A 23 -7.66 4.41 0.40
C LEU A 23 -7.11 5.00 -0.89
N ARG A 24 -7.60 4.50 -2.03
CA ARG A 24 -7.18 5.04 -3.32
C ARG A 24 -7.62 6.50 -3.45
N GLU A 25 -8.84 6.81 -3.02
CA GLU A 25 -9.32 8.19 -3.12
C GLU A 25 -8.47 9.12 -2.25
N ASP A 26 -8.11 8.66 -1.05
CA ASP A 26 -7.28 9.46 -0.15
C ASP A 26 -5.88 9.65 -0.72
N GLY A 27 -5.34 8.61 -1.37
CA GLY A 27 -4.03 8.73 -1.99
C GLY A 27 -3.99 9.77 -3.09
N GLU A 28 -5.04 9.83 -3.91
CA GLU A 28 -5.09 10.84 -4.96
C GLU A 28 -5.13 12.23 -4.37
N LYS A 29 -5.89 12.42 -3.28
CA LYS A 29 -5.98 13.74 -2.67
C LYS A 29 -4.64 14.17 -2.10
N ALA A 30 -3.89 13.22 -1.51
CA ALA A 30 -2.58 13.54 -0.96
C ALA A 30 -1.59 13.88 -2.06
N ALA A 31 -1.70 13.20 -3.21
CA ALA A 31 -0.77 13.42 -4.31
C ALA A 31 -0.90 14.84 -4.87
N ARG A 32 -2.07 15.45 -4.77
CA ARG A 32 -2.23 16.81 -5.22
C ARG A 32 -1.52 17.80 -4.31
N GLU A 33 -1.24 17.41 -3.08
CA GLU A 33 -0.62 18.31 -2.11
C GLU A 33 0.86 18.48 -2.41
N VAL A 34 1.38 19.66 -2.07
CA VAL A 34 2.80 19.94 -2.20
C VAL A 34 3.38 19.95 -0.79
N LYS A 35 4.36 19.09 -0.55
CA LYS A 35 4.97 18.94 0.76
C LYS A 35 6.34 19.60 0.78
N LEU A 36 6.58 20.46 1.76
CA LEU A 36 7.83 21.18 1.89
C LEU A 36 8.43 20.91 3.26
N LEU A 37 9.72 20.61 3.29
CA LEU A 37 10.43 20.40 4.54
C LEU A 37 11.17 21.68 4.90
N LEU A 38 10.80 22.30 6.01
CA LEU A 38 11.42 23.55 6.44
C LEU A 38 12.57 23.23 7.39
N LEU A 39 13.77 23.72 7.07
CA LEU A 39 14.94 23.43 7.87
C LEU A 39 15.68 24.71 8.20
N GLY A 40 16.64 24.58 9.10
CA GLY A 40 17.43 25.71 9.55
C GLY A 40 18.19 25.33 10.80
N ALA A 41 19.07 26.22 11.23
CA ALA A 41 19.97 25.96 12.35
C ALA A 41 19.62 26.87 13.52
N GLY A 42 18.33 27.13 13.68
CA GLY A 42 17.84 27.91 14.80
C GLY A 42 16.46 28.43 14.44
N GLU A 43 15.97 29.34 15.28
CA GLU A 43 14.73 30.04 15.00
C GLU A 43 15.00 31.42 14.44
N SER A 44 16.19 31.61 13.86
CA SER A 44 16.59 32.91 13.34
C SER A 44 15.67 33.41 12.25
N GLY A 45 15.37 32.56 11.26
CA GLY A 45 14.46 32.97 10.21
C GLY A 45 13.24 32.10 9.99
N LYS A 46 13.20 30.94 10.64
CA LYS A 46 12.10 30.01 10.39
C LYS A 46 10.77 30.63 10.82
N SER A 47 10.78 31.38 11.92
CA SER A 47 9.56 31.99 12.44
C SER A 47 8.96 32.98 11.47
N THR A 48 9.79 33.63 10.64
CA THR A 48 9.29 34.62 9.71
C THR A 48 8.76 34.00 8.42
N ILE A 49 9.18 32.79 8.07
CA ILE A 49 8.76 32.17 6.82
C ILE A 49 7.53 31.32 7.11
N VAL A 50 7.02 31.41 8.33
CA VAL A 50 5.77 30.75 8.70
C VAL A 50 4.72 31.75 9.18
N LYS A 51 5.10 33.02 9.38
CA LYS A 51 4.21 33.99 9.97
C LYS A 51 3.02 34.33 9.07
N GLN A 52 3.27 34.52 7.77
CA GLN A 52 2.20 34.98 6.88
C GLN A 52 1.10 33.94 6.71
N MET A 53 1.48 32.66 6.57
CA MET A 53 0.51 31.66 6.21
C MET A 53 -0.30 31.18 7.41
N LYS A 54 -1.61 31.03 7.22
CA LYS A 54 -2.51 30.55 8.25
C LYS A 54 -2.88 29.09 7.98
N ILE A 55 -3.05 28.34 9.07
CA ILE A 55 -3.37 26.92 8.95
C ILE A 55 -4.86 26.68 9.20
N THR A 182 7.21 19.64 20.39
CA THR A 182 6.05 18.79 20.18
C THR A 182 6.25 17.89 18.96
N GLY A 183 7.45 17.90 18.40
CA GLY A 183 7.78 17.02 17.31
C GLY A 183 7.82 17.75 15.99
N ILE A 184 6.83 17.50 15.14
CA ILE A 184 6.70 18.18 13.85
C ILE A 184 5.51 19.12 13.94
N VAL A 185 5.72 20.37 13.53
CA VAL A 185 4.65 21.35 13.43
C VAL A 185 4.33 21.47 11.95
N GLU A 186 3.16 20.99 11.55
CA GLU A 186 2.73 21.09 10.17
C GLU A 186 1.95 22.38 9.95
N THR A 187 2.22 23.03 8.82
CA THR A 187 1.53 24.26 8.45
C THR A 187 0.90 24.06 7.08
N HIS A 188 -0.42 24.16 7.02
CA HIS A 188 -1.15 23.96 5.77
C HIS A 188 -1.64 25.30 5.29
N PHE A 189 -1.30 25.65 4.05
CA PHE A 189 -1.79 26.89 3.45
C PHE A 189 -2.08 26.65 1.98
N THR A 190 -2.88 27.54 1.41
CA THR A 190 -3.28 27.45 0.01
C THR A 190 -2.88 28.73 -0.69
N PHE A 191 -2.17 28.60 -1.81
CA PHE A 191 -1.82 29.73 -2.65
C PHE A 191 -2.15 29.37 -4.09
N LYS A 192 -2.94 30.22 -4.75
CA LYS A 192 -3.32 30.04 -6.15
C LYS A 192 -3.94 28.66 -6.39
N ASP A 193 -4.86 28.28 -5.52
CA ASP A 193 -5.64 27.05 -5.66
C ASP A 193 -4.73 25.82 -5.60
N LEU A 194 -3.63 25.92 -4.86
CA LEU A 194 -2.73 24.81 -4.62
C LEU A 194 -2.52 24.64 -3.12
N HIS A 195 -2.60 23.40 -2.66
CA HIS A 195 -2.46 23.09 -1.24
C HIS A 195 -1.02 22.77 -0.90
N PHE A 196 -0.47 23.47 0.08
CA PHE A 196 0.89 23.27 0.54
C PHE A 196 0.89 22.75 1.96
N LYS A 197 1.76 21.79 2.25
CA LYS A 197 1.97 21.30 3.59
C LYS A 197 3.45 21.49 3.90
N MET A 198 3.74 22.28 4.93
CA MET A 198 5.11 22.60 5.29
C MET A 198 5.41 22.05 6.68
N PHE A 199 6.39 21.16 6.77
CA PHE A 199 6.73 20.48 8.01
C PHE A 199 7.96 21.11 8.66
N ASP A 200 7.77 21.70 9.82
CA ASP A 200 8.86 22.28 10.60
C ASP A 200 9.29 21.23 11.62
N VAL A 201 10.49 20.70 11.44
CA VAL A 201 10.96 19.60 12.27
C VAL A 201 12.00 20.08 13.28
N GLY A 202 12.11 21.39 13.48
CA GLY A 202 13.13 21.92 14.37
C GLY A 202 12.98 21.45 15.80
N GLY A 203 11.74 21.23 16.25
CA GLY A 203 11.50 20.80 17.61
C GLY A 203 12.04 19.43 17.95
N GLN A 204 12.34 18.62 16.93
CA GLN A 204 12.81 17.25 17.14
C GLN A 204 14.29 17.28 17.50
N ARG A 205 14.58 17.28 18.79
CA ARG A 205 15.97 17.21 19.27
C ARG A 205 16.31 15.73 19.41
N SER A 206 16.91 15.17 18.37
CA SER A 206 17.21 13.75 18.30
C SER A 206 18.26 13.54 17.22
N GLU A 207 18.63 12.29 16.99
CA GLU A 207 19.58 11.99 15.94
C GLU A 207 18.87 12.16 14.61
N ARG A 208 19.35 13.09 13.79
CA ARG A 208 18.65 13.40 12.54
C ARG A 208 18.71 12.22 11.57
N LYS A 209 19.81 11.47 11.56
CA LYS A 209 19.97 10.42 10.57
C LYS A 209 18.98 9.28 10.79
N LYS A 210 18.36 9.21 11.97
CA LYS A 210 17.43 8.14 12.29
C LYS A 210 16.03 8.40 11.74
N TRP A 211 15.68 9.65 11.45
CA TRP A 211 14.35 9.99 10.99
C TRP A 211 14.33 10.85 9.74
N ILE A 212 15.49 11.22 9.20
CA ILE A 212 15.53 12.14 8.07
C ILE A 212 15.01 11.46 6.81
N HIS A 213 14.99 10.13 6.78
CA HIS A 213 14.58 9.40 5.58
C HIS A 213 13.08 9.42 5.41
N CYS A 214 12.34 9.88 6.43
CA CYS A 214 10.88 9.94 6.34
C CYS A 214 10.45 10.97 5.30
N PHE A 215 11.29 11.99 5.06
CA PHE A 215 10.97 13.09 4.17
C PHE A 215 11.64 12.92 2.82
N GLU A 216 11.92 11.68 2.44
CA GLU A 216 12.64 11.41 1.20
C GLU A 216 11.86 11.91 -0.02
N GLY A 217 10.54 11.81 0.02
CA GLY A 217 9.74 12.15 -1.14
C GLY A 217 9.17 13.56 -1.10
N VAL A 218 9.75 14.39 -0.22
CA VAL A 218 9.27 15.76 -0.08
C VAL A 218 9.49 16.51 -1.39
N THR A 219 8.57 17.40 -1.73
CA THR A 219 8.66 18.10 -3.01
C THR A 219 9.90 18.99 -3.07
N ALA A 220 10.14 19.76 -2.02
CA ALA A 220 11.31 20.62 -1.95
C ALA A 220 11.66 20.84 -0.49
N ILE A 221 12.88 21.30 -0.26
CA ILE A 221 13.35 21.64 1.08
C ILE A 221 13.52 23.15 1.15
N ILE A 222 12.94 23.77 2.17
CA ILE A 222 13.11 25.19 2.42
C ILE A 222 14.16 25.34 3.51
N PHE A 223 15.25 26.01 3.20
CA PHE A 223 16.34 26.22 4.13
C PHE A 223 16.44 27.71 4.45
N CYS A 224 16.48 28.03 5.73
CA CYS A 224 16.52 29.42 6.17
C CYS A 224 17.87 29.72 6.80
N VAL A 225 18.51 30.78 6.33
CA VAL A 225 19.81 31.21 6.85
C VAL A 225 19.70 32.69 7.21
N ALA A 226 20.09 33.02 8.43
CA ALA A 226 20.08 34.41 8.86
C ALA A 226 21.37 35.10 8.41
N LEU A 227 21.23 36.21 7.70
CA LEU A 227 22.43 36.85 7.18
C LEU A 227 23.23 37.54 8.27
N SER A 228 22.61 37.84 9.40
CA SER A 228 23.28 38.54 10.50
C SER A 228 24.08 37.60 11.39
N ASP A 229 24.08 36.29 11.10
CA ASP A 229 24.71 35.30 11.95
C ASP A 229 26.15 35.01 11.56
N TYR A 230 26.80 35.89 10.80
CA TYR A 230 28.20 35.70 10.48
C TYR A 230 29.12 36.29 11.54
N ASP A 231 28.63 37.24 12.34
CA ASP A 231 29.39 37.85 13.42
C ASP A 231 28.99 37.34 14.79
N LEU A 232 28.12 36.33 14.84
CA LEU A 232 27.61 35.80 16.09
C LEU A 232 28.07 34.36 16.25
N VAL A 233 28.35 33.96 17.48
CA VAL A 233 28.76 32.59 17.76
C VAL A 233 27.74 31.89 18.65
N ASN A 241 30.57 31.63 13.50
CA ASN A 241 30.34 30.29 14.02
C ASN A 241 28.93 29.80 13.70
N ARG A 242 27.93 30.65 13.94
CA ARG A 242 26.57 30.29 13.56
C ARG A 242 26.43 30.22 12.05
N MET A 243 27.06 31.14 11.32
CA MET A 243 27.01 31.05 9.86
C MET A 243 27.71 29.78 9.40
N HIS A 244 28.84 29.44 10.03
CA HIS A 244 29.54 28.21 9.71
C HIS A 244 28.68 26.99 10.06
N GLU A 245 27.96 27.07 11.19
CA GLU A 245 27.10 25.96 11.59
C GLU A 245 25.98 25.77 10.58
N SER A 246 25.40 26.87 10.10
CA SER A 246 24.37 26.80 9.08
C SER A 246 24.93 26.22 7.78
N MET A 247 26.16 26.59 7.43
CA MET A 247 26.77 26.00 6.23
C MET A 247 27.00 24.51 6.40
N LYS A 248 27.40 24.08 7.60
CA LYS A 248 27.56 22.65 7.86
C LYS A 248 26.23 21.93 7.73
N LEU A 249 25.16 22.52 8.29
CA LEU A 249 23.85 21.91 8.19
C LEU A 249 23.39 21.84 6.74
N PHE A 250 23.65 22.91 5.97
CA PHE A 250 23.23 22.95 4.58
C PHE A 250 23.97 21.89 3.79
N ASP A 251 25.28 21.74 4.03
CA ASP A 251 26.06 20.74 3.32
C ASP A 251 25.60 19.34 3.66
N SER A 252 25.29 19.10 4.94
CA SER A 252 24.79 17.79 5.36
C SER A 252 23.45 17.47 4.73
N ILE A 253 22.52 18.43 4.75
CA ILE A 253 21.17 18.19 4.23
C ILE A 253 21.19 18.05 2.71
N CYS A 254 21.92 18.93 2.03
CA CYS A 254 21.93 18.94 0.57
C CYS A 254 22.50 17.65 0.00
N ASN A 255 23.53 17.09 0.65
CA ASN A 255 24.24 15.94 0.10
C ASN A 255 23.87 14.62 0.76
N ASN A 256 22.67 14.51 1.33
CA ASN A 256 22.24 13.21 1.86
C ASN A 256 21.94 12.26 0.72
N LYS A 257 21.91 10.97 1.05
CA LYS A 257 21.55 9.98 0.05
C LYS A 257 20.06 9.98 -0.22
N TRP A 258 19.28 10.64 0.63
CA TRP A 258 17.83 10.67 0.49
C TRP A 258 17.35 11.86 -0.33
N PHE A 259 18.16 12.90 -0.43
CA PHE A 259 17.79 14.14 -1.12
C PHE A 259 18.66 14.37 -2.35
N THR A 260 18.96 13.28 -3.07
CA THR A 260 19.81 13.38 -4.25
C THR A 260 19.18 14.26 -5.33
N ASP A 261 17.86 14.20 -5.47
CA ASP A 261 17.16 14.96 -6.51
C ASP A 261 16.15 15.95 -5.95
N THR A 262 16.15 16.21 -4.65
CA THR A 262 15.18 17.11 -4.04
C THR A 262 15.72 18.53 -4.10
N SER A 263 14.99 19.43 -4.75
CA SER A 263 15.47 20.79 -4.88
C SER A 263 15.35 21.54 -3.55
N ILE A 264 16.17 22.57 -3.40
CA ILE A 264 16.22 23.34 -2.16
C ILE A 264 15.87 24.79 -2.46
N ILE A 265 14.93 25.33 -1.69
CA ILE A 265 14.56 26.74 -1.75
C ILE A 265 15.27 27.42 -0.58
N LEU A 266 16.37 28.11 -0.86
CA LEU A 266 17.20 28.69 0.19
C LEU A 266 16.75 30.12 0.46
N PHE A 267 16.43 30.42 1.70
CA PHE A 267 16.02 31.75 2.12
C PHE A 267 17.14 32.38 2.92
N LEU A 268 17.56 33.58 2.53
CA LEU A 268 18.56 34.34 3.27
C LEU A 268 17.84 35.45 4.01
N ASN A 269 17.60 35.22 5.31
CA ASN A 269 16.85 36.15 6.14
C ASN A 269 17.76 37.21 6.73
N LYS A 270 17.15 38.17 7.43
CA LYS A 270 17.87 39.25 8.10
C LYS A 270 18.60 40.15 7.10
N LYS A 271 17.95 40.40 5.96
CA LYS A 271 18.51 41.30 4.96
C LYS A 271 18.66 42.71 5.53
N ASP A 272 17.66 43.18 6.27
CA ASP A 272 17.71 44.51 6.88
C ASP A 272 18.84 44.61 7.91
N LEU A 273 18.97 43.59 8.74
CA LEU A 273 20.02 43.56 9.77
C LEU A 273 21.41 43.41 9.17
N PHE A 274 21.51 42.74 8.03
CA PHE A 274 22.82 42.43 7.45
C PHE A 274 23.58 43.69 7.09
N GLU A 275 22.90 44.68 6.52
CA GLU A 275 23.57 45.92 6.13
C GLU A 275 24.16 46.64 7.33
N GLU A 276 23.42 46.68 8.44
CA GLU A 276 23.95 47.31 9.65
C GLU A 276 25.20 46.58 10.14
N LYS A 277 25.19 45.24 10.13
CA LYS A 277 26.36 44.50 10.56
C LYS A 277 27.55 44.77 9.63
N ILE A 278 27.33 44.82 8.32
CA ILE A 278 28.47 44.99 7.42
C ILE A 278 28.98 46.41 7.47
N LYS A 279 28.15 47.36 7.92
CA LYS A 279 28.60 48.74 8.07
C LYS A 279 29.10 48.98 9.48
N LYS A 280 29.03 47.97 10.33
CA LYS A 280 29.57 47.97 11.68
C LYS A 280 30.83 47.13 11.79
N SER A 281 30.85 45.98 11.12
CA SER A 281 31.93 45.02 11.15
C SER A 281 32.23 44.55 9.73
N PRO A 282 33.44 44.08 9.47
CA PRO A 282 33.75 43.48 8.18
C PRO A 282 33.20 42.06 8.04
N LEU A 283 33.01 41.64 6.79
CA LEU A 283 32.55 40.30 6.50
C LEU A 283 33.64 39.25 6.71
N THR A 284 34.90 39.68 6.85
CA THR A 284 36.02 38.78 6.98
C THR A 284 36.06 38.06 8.32
N ILE A 285 35.18 38.42 9.25
CA ILE A 285 35.08 37.72 10.53
C ILE A 285 34.70 36.26 10.30
N CYS A 286 33.80 36.01 9.36
CA CYS A 286 33.36 34.65 9.07
C CYS A 286 34.12 34.03 7.91
N TYR A 287 34.28 34.78 6.81
CA TYR A 287 34.98 34.30 5.62
C TYR A 287 36.27 35.09 5.48
N PRO A 288 37.42 34.57 5.91
CA PRO A 288 38.65 35.37 5.89
C PRO A 288 39.15 35.68 4.49
N GLU A 289 38.67 34.95 3.48
CA GLU A 289 39.19 35.07 2.13
C GLU A 289 38.35 36.01 1.27
N TYR A 290 37.53 36.84 1.89
CA TYR A 290 36.60 37.69 1.18
C TYR A 290 37.30 38.97 0.75
N ALA A 291 37.40 39.17 -0.56
CA ALA A 291 37.96 40.41 -1.11
C ALA A 291 36.79 41.22 -1.67
N GLY A 292 36.49 42.33 -1.01
CA GLY A 292 35.43 43.20 -1.48
C GLY A 292 35.09 44.22 -0.43
N SER A 293 34.25 45.17 -0.84
CA SER A 293 33.82 46.22 0.07
C SER A 293 32.77 45.68 1.02
N ASN A 294 32.60 46.38 2.14
CA ASN A 294 31.57 46.04 3.12
C ASN A 294 30.27 46.75 2.74
N THR A 295 29.68 46.29 1.65
CA THR A 295 28.41 46.78 1.13
C THR A 295 27.45 45.60 1.01
N TYR A 296 26.15 45.92 0.98
CA TYR A 296 25.14 44.88 1.01
C TYR A 296 25.21 43.97 -0.21
N GLU A 297 25.34 44.55 -1.39
CA GLU A 297 25.25 43.75 -2.60
C GLU A 297 26.42 42.78 -2.73
N GLU A 298 27.64 43.27 -2.51
CA GLU A 298 28.82 42.43 -2.69
C GLU A 298 28.86 41.34 -1.65
N ALA A 299 28.60 41.69 -0.39
CA ALA A 299 28.69 40.72 0.70
C ALA A 299 27.59 39.68 0.56
N ALA A 300 26.36 40.13 0.27
CA ALA A 300 25.24 39.19 0.20
C ALA A 300 25.39 38.27 -1.01
N ALA A 301 25.87 38.79 -2.14
CA ALA A 301 26.14 37.93 -3.28
C ALA A 301 27.25 36.93 -2.96
N TYR A 302 28.26 37.36 -2.19
CA TYR A 302 29.30 36.42 -1.79
C TYR A 302 28.74 35.31 -0.92
N ILE A 303 27.87 35.64 0.04
CA ILE A 303 27.29 34.62 0.91
C ILE A 303 26.42 33.67 0.09
N GLN A 304 25.65 34.22 -0.86
CA GLN A 304 24.82 33.37 -1.70
C GLN A 304 25.68 32.41 -2.50
N CYS A 305 26.82 32.89 -3.01
CA CYS A 305 27.72 32.01 -3.74
C CYS A 305 28.29 30.94 -2.83
N GLN A 306 28.65 31.32 -1.60
CA GLN A 306 29.26 30.39 -0.65
C GLN A 306 28.28 29.28 -0.28
N PHE A 307 26.99 29.61 -0.20
CA PHE A 307 26.00 28.57 0.05
C PHE A 307 25.72 27.75 -1.21
N GLU A 308 25.68 28.40 -2.38
CA GLU A 308 25.33 27.67 -3.58
C GLU A 308 26.48 26.83 -4.09
N ASP A 309 27.68 27.01 -3.53
CA ASP A 309 28.87 26.26 -3.91
C ASP A 309 29.07 25.04 -3.03
N LEU A 310 28.20 24.83 -2.05
CA LEU A 310 28.32 23.71 -1.13
C LEU A 310 27.66 22.44 -1.64
N ASN A 311 26.89 22.53 -2.72
CA ASN A 311 26.15 21.39 -3.24
C ASN A 311 27.01 20.62 -4.23
N LYS A 312 27.19 19.33 -3.97
CA LYS A 312 27.93 18.47 -4.89
C LYS A 312 27.01 17.84 -5.93
N ARG A 313 25.71 17.89 -5.72
CA ARG A 313 24.73 17.33 -6.66
C ARG A 313 24.22 18.42 -7.60
N LYS A 314 25.14 19.07 -8.31
CA LYS A 314 24.73 20.09 -9.26
C LYS A 314 24.06 19.49 -10.48
N ASP A 315 24.27 18.21 -10.74
CA ASP A 315 23.73 17.59 -11.94
C ASP A 315 22.28 17.16 -11.79
N THR A 316 21.77 17.09 -10.56
CA THR A 316 20.42 16.57 -10.34
C THR A 316 19.47 17.55 -9.67
N LYS A 317 19.97 18.52 -8.90
CA LYS A 317 19.08 19.40 -8.15
C LYS A 317 19.53 20.85 -8.30
N GLU A 318 18.62 21.76 -7.96
CA GLU A 318 18.84 23.18 -8.03
C GLU A 318 18.64 23.82 -6.67
N ILE A 319 19.32 24.94 -6.44
CA ILE A 319 19.16 25.73 -5.23
C ILE A 319 18.54 27.06 -5.65
N TYR A 320 17.35 27.33 -5.15
CA TYR A 320 16.63 28.57 -5.46
C TYR A 320 16.84 29.53 -4.30
N THR A 321 17.59 30.60 -4.54
CA THR A 321 17.97 31.51 -3.48
C THR A 321 17.15 32.79 -3.57
N HIS A 322 16.52 33.17 -2.46
CA HIS A 322 15.77 34.41 -2.35
C HIS A 322 16.19 35.13 -1.09
N PHE A 323 16.39 36.44 -1.19
CA PHE A 323 16.68 37.26 -0.02
C PHE A 323 15.34 37.68 0.56
N THR A 324 15.05 37.25 1.78
CA THR A 324 13.74 37.46 2.35
C THR A 324 13.40 38.93 2.44
N CYS A 325 12.27 39.30 1.85
CA CYS A 325 11.89 40.74 1.78
C CYS A 325 10.72 41.04 2.71
N ALA A 326 10.57 42.32 3.05
CA ALA A 326 9.47 42.75 3.94
C ALA A 326 8.14 42.49 3.25
N THR A 327 8.10 42.68 1.92
CA THR A 327 6.85 42.37 1.20
C THR A 327 6.76 40.85 1.20
N GLU A 328 5.83 40.30 1.98
CA GLU A 328 5.76 38.83 2.14
C GLU A 328 4.88 38.24 1.04
N THR A 329 4.22 39.08 0.26
CA THR A 329 3.50 38.52 -0.89
C THR A 329 4.58 37.96 -1.81
N LYS A 330 5.81 38.48 -1.70
CA LYS A 330 6.82 38.07 -2.65
C LYS A 330 7.56 36.81 -2.20
N ASN A 331 7.63 36.56 -0.90
CA ASN A 331 8.24 35.32 -0.42
C ASN A 331 7.37 34.12 -0.80
N VAL A 332 6.05 34.24 -0.63
CA VAL A 332 5.16 33.17 -1.02
C VAL A 332 5.16 33.04 -2.53
N GLN A 333 5.25 34.16 -3.25
CA GLN A 333 5.34 34.10 -4.70
C GLN A 333 6.59 33.35 -5.12
N PHE A 334 7.71 33.61 -4.43
CA PHE A 334 8.95 32.93 -4.76
C PHE A 334 8.82 31.44 -4.52
N VAL A 335 8.17 31.06 -3.42
CA VAL A 335 8.05 29.64 -3.10
C VAL A 335 7.16 28.98 -4.14
N PHE A 336 6.09 29.67 -4.55
CA PHE A 336 5.17 29.14 -5.54
C PHE A 336 5.87 28.96 -6.88
N ASP A 337 6.69 29.94 -7.28
CA ASP A 337 7.44 29.84 -8.54
C ASP A 337 8.46 28.71 -8.49
N ALA A 338 9.19 28.59 -7.39
CA ALA A 338 10.17 27.52 -7.28
C ALA A 338 9.49 26.16 -7.30
N VAL A 339 8.35 26.04 -6.62
CA VAL A 339 7.64 24.77 -6.59
C VAL A 339 7.09 24.45 -7.97
N THR A 340 6.63 25.46 -8.71
CA THR A 340 6.15 25.25 -10.07
C THR A 340 7.28 24.73 -10.96
N ASP A 341 8.48 25.32 -10.82
CA ASP A 341 9.62 24.84 -11.59
C ASP A 341 9.96 23.40 -11.21
N VAL A 342 9.88 23.08 -9.92
CA VAL A 342 10.19 21.73 -9.46
C VAL A 342 9.19 20.75 -10.05
N ILE A 343 7.90 21.12 -10.05
CA ILE A 343 6.85 20.25 -10.56
C ILE A 343 7.04 20.04 -12.06
N ILE A 344 7.40 21.09 -12.79
CA ILE A 344 7.61 20.96 -14.22
C ILE A 344 8.77 20.00 -14.50
N LYS A 345 9.86 20.15 -13.76
CA LYS A 345 11.00 19.25 -13.96
C LYS A 345 10.64 17.82 -13.59
N ASN A 346 9.88 17.63 -12.51
CA ASN A 346 9.48 16.28 -12.12
C ASN A 346 8.59 15.68 -13.19
N ASN A 347 7.68 16.48 -13.75
CA ASN A 347 6.78 16.00 -14.78
C ASN A 347 7.57 15.61 -16.02
N LEU A 348 8.60 16.39 -16.35
CA LEU A 348 9.46 16.05 -17.48
C LEU A 348 10.20 14.74 -17.22
N LYS A 349 10.64 14.52 -15.99
CA LYS A 349 11.27 13.24 -15.66
C LYS A 349 10.28 12.09 -15.80
N ASP A 350 9.04 12.29 -15.34
CA ASP A 350 8.05 11.22 -15.41
C ASP A 350 7.67 10.90 -16.85
N CYS A 351 7.55 11.94 -17.69
CA CYS A 351 7.13 11.75 -19.07
C CYS A 351 8.23 11.16 -19.94
N GLY A 352 9.46 11.09 -19.44
CA GLY A 352 10.56 10.57 -20.22
C GLY A 352 11.23 11.59 -21.12
N LEU A 353 11.09 12.88 -20.82
CA LEU A 353 11.66 13.95 -21.63
C LEU A 353 12.68 14.71 -20.78
N PHE A 354 13.92 14.24 -20.78
CA PHE A 354 14.98 14.94 -20.06
C PHE A 354 16.33 14.70 -20.72
N ASP B 5 38.27 12.21 37.81
CA ASP B 5 38.04 12.73 39.15
C ASP B 5 38.15 11.56 40.14
N GLU B 6 37.80 11.76 41.42
CA GLU B 6 37.94 10.64 42.36
C GLU B 6 36.99 9.51 42.00
N LEU B 7 35.79 9.84 41.53
CA LEU B 7 34.76 8.85 41.25
C LEU B 7 34.56 8.59 39.75
N ARG B 8 35.14 9.39 38.86
CA ARG B 8 35.14 9.02 37.45
C ARG B 8 36.05 7.83 37.19
N GLN B 9 37.12 7.68 37.98
CA GLN B 9 37.99 6.52 37.83
C GLN B 9 37.24 5.25 38.18
N GLU B 10 36.41 5.31 39.23
CA GLU B 10 35.67 4.14 39.69
C GLU B 10 34.69 3.66 38.63
N ALA B 11 34.17 4.58 37.81
CA ALA B 11 33.28 4.17 36.72
C ALA B 11 34.02 3.30 35.73
N GLU B 12 35.27 3.65 35.40
CA GLU B 12 36.00 2.88 34.40
C GLU B 12 36.79 1.75 35.04
N GLN B 13 36.83 1.70 36.37
CA GLN B 13 37.39 0.57 37.10
C GLN B 13 36.36 -0.53 37.23
N LEU B 14 35.11 -0.14 37.50
CA LEU B 14 34.04 -1.13 37.60
C LEU B 14 33.79 -1.77 36.26
N LYS B 15 33.94 -1.02 35.17
CA LYS B 15 33.68 -1.62 33.86
C LYS B 15 34.69 -2.72 33.59
N ASN B 16 35.94 -2.50 34.00
CA ASN B 16 36.96 -3.54 33.92
C ASN B 16 36.63 -4.72 34.84
N GLN B 17 36.12 -4.42 36.04
CA GLN B 17 35.75 -5.47 36.99
C GLN B 17 34.63 -6.33 36.43
N ILE B 18 33.66 -5.71 35.76
CA ILE B 18 32.59 -6.44 35.09
C ILE B 18 33.16 -7.26 33.94
N ARG B 19 34.07 -6.65 33.17
CA ARG B 19 34.64 -7.34 32.02
C ARG B 19 35.38 -8.59 32.44
N ASP B 20 36.07 -8.53 33.58
CA ASP B 20 36.76 -9.69 34.11
C ASP B 20 35.78 -10.74 34.62
N ALA B 21 34.72 -10.31 35.31
CA ALA B 21 33.77 -11.26 35.86
C ALA B 21 33.02 -12.00 34.77
N ARG B 22 32.82 -11.38 33.62
CA ARG B 22 32.10 -12.00 32.52
C ARG B 22 33.05 -12.72 31.57
N LYS B 23 34.35 -12.73 31.88
CA LYS B 23 35.35 -13.46 31.13
C LYS B 23 35.75 -14.74 31.85
N ALA B 24 35.50 -14.80 33.16
CA ALA B 24 35.73 -16.02 33.92
C ALA B 24 34.72 -17.10 33.53
N CYS B 25 33.53 -16.70 33.10
CA CYS B 25 32.45 -17.61 32.73
C CYS B 25 32.53 -18.08 31.29
N ALA B 26 33.41 -17.49 30.47
CA ALA B 26 33.48 -17.82 29.05
C ALA B 26 34.41 -19.02 28.83
N ASP B 27 34.04 -20.14 29.46
CA ASP B 27 34.84 -21.35 29.35
C ASP B 27 34.79 -21.95 27.95
N ALA B 28 33.61 -21.97 27.33
CA ALA B 28 33.47 -22.50 25.99
C ALA B 28 32.46 -21.66 25.23
N THR B 29 32.75 -21.44 23.94
CA THR B 29 31.87 -20.65 23.09
C THR B 29 30.65 -21.47 22.64
N LEU B 30 29.63 -20.75 22.19
CA LEU B 30 28.42 -21.40 21.68
C LEU B 30 28.71 -22.17 20.41
N SER B 31 29.66 -21.69 19.59
CA SER B 31 30.05 -22.43 18.39
C SER B 31 30.66 -23.78 18.73
N GLN B 32 31.45 -23.84 19.80
CA GLN B 32 32.05 -25.10 20.23
C GLN B 32 31.00 -26.10 20.68
N ILE B 33 30.00 -25.64 21.42
CA ILE B 33 29.01 -26.54 21.99
C ILE B 33 28.13 -27.13 20.90
N THR B 34 27.76 -26.32 19.91
CA THR B 34 26.85 -26.73 18.84
C THR B 34 27.60 -27.17 17.59
N ASN B 35 28.86 -27.56 17.72
CA ASN B 35 29.65 -27.95 16.56
C ASN B 35 29.18 -29.28 15.97
N ASN B 36 28.72 -30.20 16.80
CA ASN B 36 28.34 -31.52 16.32
C ASN B 36 26.84 -31.66 16.07
N ILE B 37 26.04 -30.63 16.35
CA ILE B 37 24.62 -30.70 16.04
C ILE B 37 24.44 -30.58 14.54
N ASP B 38 23.31 -31.10 14.05
CA ASP B 38 23.20 -31.10 12.60
C ASP B 38 22.73 -29.73 12.11
N PRO B 39 23.19 -29.30 10.94
CA PRO B 39 22.69 -28.05 10.35
C PRO B 39 21.24 -28.17 9.92
N VAL B 40 20.57 -27.01 9.91
CA VAL B 40 19.15 -26.98 9.55
C VAL B 40 18.99 -27.26 8.07
N GLY B 41 20.05 -27.09 7.29
CA GLY B 41 19.98 -27.28 5.86
C GLY B 41 19.51 -26.00 5.20
N ARG B 42 18.95 -26.14 4.01
CA ARG B 42 18.59 -24.99 3.19
C ARG B 42 17.10 -24.71 3.39
N ILE B 43 16.79 -23.51 3.88
CA ILE B 43 15.42 -23.10 4.11
C ILE B 43 14.91 -22.43 2.85
N GLN B 44 13.83 -22.97 2.29
CA GLN B 44 13.21 -22.41 1.10
C GLN B 44 11.80 -21.98 1.47
N MET B 45 11.59 -20.67 1.52
CA MET B 45 10.31 -20.08 1.88
C MET B 45 9.75 -19.33 0.69
N ARG B 46 8.51 -19.62 0.33
CA ARG B 46 7.87 -18.99 -0.81
C ARG B 46 6.87 -17.96 -0.31
N THR B 47 6.70 -16.90 -1.09
CA THR B 47 5.75 -15.88 -0.70
C THR B 47 4.34 -16.42 -0.90
N ARG B 48 3.53 -16.39 0.16
CA ARG B 48 2.19 -16.95 0.09
C ARG B 48 1.15 -15.89 -0.16
N ARG B 49 1.24 -14.77 0.54
CA ARG B 49 0.31 -13.66 0.39
C ARG B 49 1.12 -12.40 0.16
N THR B 50 0.57 -11.50 -0.63
CA THR B 50 1.15 -10.18 -0.81
C THR B 50 0.07 -9.18 -0.43
N LEU B 51 0.32 -8.41 0.62
CA LEU B 51 -0.69 -7.48 1.12
C LEU B 51 -0.42 -6.12 0.50
N ARG B 52 -1.26 -5.74 -0.45
CA ARG B 52 -1.10 -4.49 -1.17
C ARG B 52 -2.25 -3.56 -0.82
N GLY B 53 -1.96 -2.27 -0.78
CA GLY B 53 -2.95 -1.30 -0.38
C GLY B 53 -2.34 -0.10 0.30
N HIS B 54 -1.08 -0.21 0.71
CA HIS B 54 -0.38 0.93 1.30
C HIS B 54 0.28 1.71 0.16
N LEU B 55 -0.02 3.00 0.09
CA LEU B 55 0.53 3.85 -0.96
C LEU B 55 1.98 4.23 -0.72
N ALA B 56 2.41 4.38 0.52
CA ALA B 56 3.76 4.84 0.82
C ALA B 56 4.56 3.79 1.59
N LYS B 57 5.70 4.22 2.12
CA LYS B 57 6.61 3.33 2.82
C LYS B 57 5.97 2.70 4.04
N ILE B 58 6.13 1.39 4.19
CA ILE B 58 5.63 0.70 5.36
C ILE B 58 6.75 0.73 6.40
N TYR B 59 6.44 1.21 7.60
CA TYR B 59 7.47 1.38 8.61
C TYR B 59 7.42 0.36 9.74
N ALA B 60 6.24 -0.12 10.11
CA ALA B 60 6.17 -1.14 11.15
C ALA B 60 4.98 -2.06 10.91
N MET B 61 5.09 -3.28 11.42
CA MET B 61 4.00 -4.24 11.41
C MET B 61 4.04 -5.01 12.72
N HIS B 62 2.88 -5.47 13.17
CA HIS B 62 2.81 -6.36 14.32
C HIS B 62 1.74 -7.42 14.10
N TRP B 63 2.06 -8.66 14.39
CA TRP B 63 1.10 -9.75 14.30
C TRP B 63 0.19 -9.77 15.51
N GLY B 64 -1.03 -10.24 15.32
CA GLY B 64 -1.91 -10.46 16.44
C GLY B 64 -1.63 -11.81 17.09
N THR B 65 -2.11 -11.96 18.33
CA THR B 65 -1.82 -13.20 19.05
C THR B 65 -2.60 -14.38 18.50
N ASP B 66 -3.61 -14.13 17.67
CA ASP B 66 -4.40 -15.18 17.06
C ASP B 66 -3.74 -15.72 15.80
N SER B 67 -2.65 -15.09 15.37
CA SER B 67 -1.81 -15.52 14.25
C SER B 67 -2.50 -15.37 12.91
N ARG B 68 -3.50 -14.52 12.84
CA ARG B 68 -4.20 -14.28 11.58
C ARG B 68 -4.27 -12.82 11.22
N LEU B 69 -4.53 -11.94 12.19
CA LEU B 69 -4.68 -10.52 11.93
C LEU B 69 -3.35 -9.82 12.24
N LEU B 70 -2.97 -8.90 11.36
CA LEU B 70 -1.78 -8.10 11.56
C LEU B 70 -2.08 -6.64 11.26
N VAL B 71 -1.44 -5.75 12.00
CA VAL B 71 -1.53 -4.33 11.74
C VAL B 71 -0.25 -3.89 11.07
N SER B 72 -0.34 -2.93 10.16
CA SER B 72 0.84 -2.37 9.50
C SER B 72 0.72 -0.85 9.44
N ALA B 73 1.84 -0.16 9.65
CA ALA B 73 1.88 1.28 9.61
C ALA B 73 2.68 1.76 8.40
N SER B 74 2.20 2.82 7.77
CA SER B 74 2.83 3.41 6.59
C SER B 74 2.93 4.92 6.77
N GLN B 75 3.84 5.54 6.00
CA GLN B 75 3.95 6.99 6.07
C GLN B 75 2.69 7.71 5.61
N ASP B 76 1.93 7.16 4.66
CA ASP B 76 0.61 7.72 4.43
C ASP B 76 -0.18 7.53 5.72
N GLY B 77 -0.99 8.50 6.10
CA GLY B 77 -1.54 8.38 7.43
C GLY B 77 -2.68 7.38 7.53
N LYS B 78 -2.34 6.11 7.33
CA LYS B 78 -3.27 5.00 7.38
C LYS B 78 -2.67 3.87 8.21
N LEU B 79 -3.49 3.28 9.08
CA LEU B 79 -3.12 2.09 9.85
C LEU B 79 -4.07 0.98 9.41
N ILE B 80 -3.57 0.05 8.61
CA ILE B 80 -4.41 -1.00 8.04
C ILE B 80 -4.27 -2.28 8.85
N ILE B 81 -5.40 -2.88 9.21
CA ILE B 81 -5.45 -4.18 9.86
C ILE B 81 -5.80 -5.21 8.80
N TRP B 82 -4.96 -6.22 8.64
CA TRP B 82 -5.11 -7.16 7.54
C TRP B 82 -5.51 -8.54 8.06
N ASP B 83 -6.25 -9.27 7.23
CA ASP B 83 -6.58 -10.66 7.49
C ASP B 83 -5.62 -11.45 6.61
N SER B 84 -4.60 -12.06 7.22
CA SER B 84 -3.55 -12.70 6.44
C SER B 84 -4.09 -13.86 5.61
N TYR B 85 -5.06 -14.61 6.12
CA TYR B 85 -5.52 -15.79 5.41
C TYR B 85 -6.18 -15.43 4.08
N THR B 86 -6.96 -14.35 4.06
CA THR B 86 -7.72 -13.98 2.88
C THR B 86 -7.25 -12.68 2.24
N THR B 87 -6.23 -12.04 2.81
CA THR B 87 -5.68 -10.78 2.29
C THR B 87 -6.72 -9.66 2.34
N ASN B 88 -7.63 -9.73 3.30
CA ASN B 88 -8.72 -8.77 3.41
C ASN B 88 -8.33 -7.71 4.43
N LYS B 89 -8.67 -6.46 4.12
CA LYS B 89 -8.43 -5.36 5.05
C LYS B 89 -9.60 -5.30 6.01
N VAL B 90 -9.37 -5.67 7.27
CA VAL B 90 -10.42 -5.59 8.28
C VAL B 90 -10.73 -4.14 8.62
N HIS B 91 -9.70 -3.31 8.81
CA HIS B 91 -9.88 -1.92 9.18
C HIS B 91 -8.78 -1.08 8.55
N ALA B 92 -9.10 0.19 8.32
CA ALA B 92 -8.14 1.19 7.88
C ALA B 92 -8.34 2.41 8.77
N ILE B 93 -7.32 2.77 9.53
CA ILE B 93 -7.44 3.84 10.52
C ILE B 93 -6.70 5.07 10.00
N PRO B 94 -7.38 6.21 9.82
CA PRO B 94 -6.68 7.45 9.46
C PRO B 94 -6.00 8.05 10.68
N LEU B 95 -4.72 8.37 10.54
CA LEU B 95 -3.93 8.88 11.66
C LEU B 95 -3.87 10.40 11.59
N ARG B 96 -3.88 11.05 12.76
CA ARG B 96 -3.76 12.51 12.77
C ARG B 96 -2.39 12.95 12.27
N SER B 97 -1.34 12.22 12.63
CA SER B 97 0.01 12.50 12.16
C SER B 97 0.46 11.34 11.29
N SER B 98 0.83 11.64 10.04
CA SER B 98 1.21 10.59 9.12
C SER B 98 2.61 10.06 9.37
N TRP B 99 3.42 10.75 10.19
CA TRP B 99 4.80 10.37 10.43
C TRP B 99 4.86 9.31 11.54
N VAL B 100 4.39 8.11 11.19
CA VAL B 100 4.26 7.01 12.14
C VAL B 100 5.45 6.08 11.97
N MET B 101 6.19 5.85 13.05
CA MET B 101 7.37 5.01 13.01
C MET B 101 7.19 3.64 13.65
N THR B 102 6.11 3.43 14.39
CA THR B 102 5.90 2.16 15.06
C THR B 102 4.41 1.86 15.18
N CYS B 103 4.09 0.58 15.28
CA CYS B 103 2.73 0.13 15.52
C CYS B 103 2.78 -1.15 16.35
N ALA B 104 1.79 -1.31 17.21
CA ALA B 104 1.66 -2.52 18.02
C ALA B 104 0.21 -2.97 18.03
N TYR B 105 0.02 -4.27 18.21
CA TYR B 105 -1.31 -4.86 18.31
C TYR B 105 -1.45 -5.42 19.72
N ALA B 106 -2.57 -5.15 20.37
CA ALA B 106 -2.75 -5.64 21.74
C ALA B 106 -2.82 -7.16 21.77
N PRO B 107 -2.35 -7.79 22.84
CA PRO B 107 -2.49 -9.24 22.95
C PRO B 107 -3.94 -9.70 22.95
N SER B 108 -4.82 -8.94 23.61
CA SER B 108 -6.24 -9.24 23.59
C SER B 108 -6.82 -9.09 22.19
N GLY B 109 -6.35 -8.09 21.45
CA GLY B 109 -6.82 -7.81 20.12
C GLY B 109 -7.79 -6.66 20.05
N ASN B 110 -8.07 -6.01 21.17
CA ASN B 110 -9.06 -4.95 21.25
C ASN B 110 -8.49 -3.59 20.92
N TYR B 111 -7.17 -3.42 20.96
CA TYR B 111 -6.55 -2.14 20.76
C TYR B 111 -5.32 -2.26 19.86
N VAL B 112 -5.00 -1.16 19.20
CA VAL B 112 -3.77 -1.02 18.42
C VAL B 112 -3.14 0.30 18.85
N ALA B 113 -1.83 0.39 18.73
CA ALA B 113 -1.12 1.62 19.05
C ALA B 113 -0.21 2.01 17.91
N CYS B 114 0.07 3.30 17.81
CA CYS B 114 0.98 3.81 16.81
C CYS B 114 1.64 5.08 17.34
N GLY B 115 2.81 5.39 16.78
CA GLY B 115 3.53 6.57 17.19
C GLY B 115 4.58 6.92 16.17
N GLY B 116 5.19 8.08 16.37
CA GLY B 116 6.26 8.49 15.47
C GLY B 116 6.86 9.84 15.81
N LEU B 117 7.05 10.67 14.78
CA LEU B 117 7.72 11.95 14.93
C LEU B 117 6.91 12.97 15.71
N ASP B 118 5.62 12.72 15.95
CA ASP B 118 4.82 13.61 16.78
C ASP B 118 5.07 13.44 18.27
N ASN B 119 5.79 12.39 18.66
CA ASN B 119 6.15 12.09 20.05
C ASN B 119 4.97 11.63 20.87
N ILE B 120 3.93 11.11 20.23
CA ILE B 120 2.68 10.71 20.89
C ILE B 120 2.40 9.26 20.54
N CYS B 121 2.02 8.48 21.54
CA CYS B 121 1.52 7.12 21.32
C CYS B 121 0.01 7.16 21.38
N SER B 122 -0.64 6.81 20.28
CA SER B 122 -2.10 6.85 20.18
C SER B 122 -2.65 5.45 20.25
N ILE B 123 -3.57 5.21 21.17
CA ILE B 123 -4.21 3.91 21.34
C ILE B 123 -5.57 3.96 20.67
N TYR B 124 -5.83 3.01 19.78
CA TYR B 124 -7.07 2.98 19.02
C TYR B 124 -7.93 1.82 19.51
N ASN B 125 -9.19 2.09 19.80
CA ASN B 125 -10.12 1.07 20.25
C ASN B 125 -10.76 0.42 19.04
N LEU B 126 -10.54 -0.89 18.88
CA LEU B 126 -11.01 -1.58 17.69
C LEU B 126 -12.43 -2.10 17.85
N LYS B 127 -12.82 -2.48 19.06
CA LYS B 127 -14.12 -3.07 19.34
C LYS B 127 -14.97 -2.04 20.08
N THR B 128 -15.82 -1.33 19.32
CA THR B 128 -16.67 -0.28 19.85
C THR B 128 -18.12 -0.60 19.54
N ARG B 129 -19.03 0.04 20.28
CA ARG B 129 -20.44 -0.18 20.01
C ARG B 129 -20.84 0.39 18.65
N GLN B 130 -20.12 1.40 18.18
CA GLN B 130 -20.27 1.92 16.84
C GLN B 130 -19.41 1.04 15.94
N GLY B 131 -19.30 1.38 14.65
CA GLY B 131 -18.53 0.53 13.76
C GLY B 131 -17.21 1.12 13.34
N ASN B 132 -16.76 2.18 14.00
CA ASN B 132 -15.56 2.92 13.62
C ASN B 132 -14.47 2.65 14.64
N VAL B 133 -13.24 2.89 14.24
CA VAL B 133 -12.12 2.81 15.17
C VAL B 133 -11.91 4.19 15.78
N ARG B 134 -11.83 4.26 17.10
CA ARG B 134 -11.71 5.53 17.80
C ARG B 134 -10.39 5.60 18.57
N VAL B 135 -9.91 6.82 18.76
CA VAL B 135 -8.68 7.03 19.53
C VAL B 135 -9.04 6.91 21.01
N SER B 136 -8.60 5.83 21.64
CA SER B 136 -8.88 5.66 23.06
C SER B 136 -8.06 6.64 23.90
N ARG B 137 -6.76 6.77 23.61
CA ARG B 137 -5.88 7.58 24.43
C ARG B 137 -4.71 8.05 23.58
N GLU B 138 -4.17 9.22 23.92
CA GLU B 138 -2.96 9.76 23.30
C GLU B 138 -1.93 10.07 24.38
N LEU B 139 -0.85 9.30 24.43
CA LEU B 139 0.16 9.45 25.46
C LEU B 139 1.18 10.48 24.98
N ALA B 140 1.42 11.52 25.77
CA ALA B 140 2.17 12.67 25.30
C ALA B 140 3.48 13.00 26.04
N GLY B 141 3.84 12.28 27.09
CA GLY B 141 5.01 12.67 27.88
C GLY B 141 6.35 12.67 27.16
N HIS B 142 6.53 11.81 26.15
CA HIS B 142 7.84 11.70 25.53
C HIS B 142 8.24 12.97 24.79
N THR B 143 9.52 13.32 24.86
CA THR B 143 10.04 14.52 24.22
C THR B 143 10.82 14.21 22.97
N GLY B 144 10.72 12.97 22.48
CA GLY B 144 11.40 12.56 21.27
C GLY B 144 10.50 11.59 20.51
N TYR B 145 10.85 11.33 19.26
CA TYR B 145 10.00 10.48 18.44
C TYR B 145 9.91 9.09 19.06
N LEU B 146 8.77 8.45 18.88
CA LEU B 146 8.60 7.09 19.36
C LEU B 146 9.13 6.08 18.35
N SER B 147 10.03 5.21 18.81
CA SER B 147 10.64 4.23 17.94
C SER B 147 9.91 2.89 18.01
N CYS B 148 9.46 2.50 19.20
CA CYS B 148 8.80 1.23 19.38
C CYS B 148 7.79 1.34 20.51
N CYS B 149 6.73 0.56 20.43
CA CYS B 149 5.71 0.45 21.47
C CYS B 149 5.29 -1.01 21.56
N ARG B 150 5.16 -1.51 22.78
CA ARG B 150 4.70 -2.88 22.99
C ARG B 150 3.67 -2.92 24.11
N PHE B 151 2.56 -3.61 23.85
CA PHE B 151 1.50 -3.75 24.84
C PHE B 151 1.83 -4.85 25.84
N LEU B 152 1.51 -4.59 27.12
CA LEU B 152 1.64 -5.59 28.17
C LEU B 152 0.30 -6.25 28.44
N ASP B 153 -0.75 -5.45 28.43
CA ASP B 153 -2.13 -5.85 28.60
C ASP B 153 -2.96 -4.73 27.98
N ASP B 154 -4.27 -4.75 28.22
CA ASP B 154 -5.11 -3.70 27.69
C ASP B 154 -4.78 -2.35 28.32
N ASN B 155 -4.45 -2.34 29.61
CA ASN B 155 -4.23 -1.08 30.33
C ASN B 155 -2.76 -0.71 30.52
N GLN B 156 -1.81 -1.47 29.98
CA GLN B 156 -0.40 -1.16 30.16
C GLN B 156 0.37 -1.26 28.85
N ILE B 157 1.18 -0.26 28.54
CA ILE B 157 2.00 -0.24 27.33
C ILE B 157 3.37 0.34 27.65
N VAL B 158 4.40 -0.20 27.00
CA VAL B 158 5.78 0.29 27.13
C VAL B 158 6.19 0.88 25.79
N THR B 159 6.68 2.12 25.81
CA THR B 159 7.06 2.83 24.59
C THR B 159 8.50 3.30 24.68
N SER B 160 9.27 3.07 23.63
CA SER B 160 10.64 3.58 23.54
C SER B 160 10.60 4.87 22.74
N SER B 161 11.58 5.73 22.96
CA SER B 161 11.58 7.03 22.31
C SER B 161 12.99 7.44 21.93
N GLY B 162 13.06 8.43 21.04
CA GLY B 162 14.31 8.98 20.58
C GLY B 162 14.89 10.03 21.47
N ASP B 163 14.32 10.23 22.66
CA ASP B 163 14.85 11.13 23.66
C ASP B 163 15.70 10.39 24.68
N THR B 164 16.12 9.15 24.34
CA THR B 164 17.03 8.31 25.11
C THR B 164 16.38 7.67 26.32
N THR B 165 15.05 7.60 26.36
CA THR B 165 14.32 7.10 27.51
C THR B 165 13.21 6.16 27.06
N CYS B 166 12.78 5.32 27.99
CA CYS B 166 11.68 4.40 27.78
C CYS B 166 10.70 4.62 28.92
N ALA B 167 9.42 4.33 28.67
CA ALA B 167 8.41 4.61 29.67
C ALA B 167 7.34 3.52 29.67
N LEU B 168 6.76 3.30 30.84
CA LEU B 168 5.63 2.41 31.04
C LEU B 168 4.42 3.31 31.25
N TRP B 169 3.36 3.09 30.48
CA TRP B 169 2.21 3.97 30.51
C TRP B 169 0.95 3.25 30.98
N ASP B 170 0.11 4.00 31.69
CA ASP B 170 -1.22 3.55 32.06
C ASP B 170 -2.19 4.18 31.06
N ILE B 171 -2.82 3.36 30.22
CA ILE B 171 -3.68 3.92 29.17
C ILE B 171 -4.87 4.66 29.77
N GLU B 172 -5.43 4.13 30.87
CA GLU B 172 -6.62 4.75 31.44
C GLU B 172 -6.34 6.17 31.91
N THR B 173 -5.22 6.37 32.60
CA THR B 173 -4.90 7.69 33.15
C THR B 173 -4.02 8.50 32.24
N GLY B 174 -3.34 7.87 31.28
CA GLY B 174 -2.49 8.57 30.34
C GLY B 174 -1.18 9.04 30.93
N GLN B 175 -0.81 8.54 32.11
CA GLN B 175 0.35 8.99 32.86
C GLN B 175 1.47 7.96 32.76
N GLN B 176 2.71 8.43 32.81
CA GLN B 176 3.85 7.53 32.81
C GLN B 176 3.99 6.95 34.21
N THR B 177 3.74 5.65 34.34
CA THR B 177 3.92 5.00 35.63
C THR B 177 5.40 4.93 36.01
N THR B 178 6.25 4.61 35.04
CA THR B 178 7.67 4.39 35.26
C THR B 178 8.43 4.91 34.06
N THR B 179 9.60 5.51 34.30
CA THR B 179 10.46 5.98 33.23
C THR B 179 11.80 5.27 33.35
N PHE B 180 12.32 4.77 32.24
CA PHE B 180 13.58 4.05 32.20
C PHE B 180 14.65 4.95 31.59
N THR B 181 15.61 5.37 32.42
CA THR B 181 16.66 6.29 32.03
C THR B 181 18.01 5.60 32.18
N GLY B 182 18.93 5.91 31.27
CA GLY B 182 20.22 5.23 31.26
C GLY B 182 20.86 5.11 29.90
N HIS B 183 20.06 5.02 28.84
CA HIS B 183 20.61 5.00 27.49
C HIS B 183 21.10 6.41 27.15
N THR B 184 22.35 6.51 26.68
CA THR B 184 22.84 7.81 26.25
C THR B 184 22.34 8.18 24.86
N GLY B 185 22.04 7.18 24.01
CA GLY B 185 21.59 7.42 22.66
C GLY B 185 20.11 7.16 22.50
N ASP B 186 19.59 7.55 21.33
CA ASP B 186 18.17 7.37 21.03
C ASP B 186 17.80 5.89 21.07
N VAL B 187 16.74 5.57 21.80
CA VAL B 187 16.31 4.17 21.92
C VAL B 187 15.51 3.82 20.67
N MET B 188 15.90 2.73 20.01
CA MET B 188 15.32 2.40 18.71
C MET B 188 14.40 1.18 18.70
N SER B 189 14.50 0.28 19.67
CA SER B 189 13.67 -0.91 19.64
C SER B 189 13.43 -1.42 21.05
N LEU B 190 12.37 -2.23 21.19
CA LEU B 190 12.04 -2.90 22.44
C LEU B 190 11.64 -4.32 22.14
N SER B 191 11.80 -5.18 23.15
CA SER B 191 11.29 -6.55 23.08
C SER B 191 10.84 -6.96 24.47
N LEU B 192 9.56 -7.25 24.63
CA LEU B 192 9.05 -7.70 25.91
C LEU B 192 9.37 -9.18 26.12
N ALA B 193 9.67 -9.55 27.36
CA ALA B 193 9.92 -10.93 27.67
C ALA B 193 8.63 -11.73 27.59
N PRO B 194 8.71 -13.04 27.35
CA PRO B 194 7.49 -13.87 27.37
C PRO B 194 6.71 -13.79 28.68
N ASP B 195 7.40 -13.70 29.81
CA ASP B 195 6.73 -13.50 31.09
C ASP B 195 6.20 -12.07 31.26
N THR B 196 6.73 -11.12 30.48
CA THR B 196 6.36 -9.70 30.55
C THR B 196 6.80 -9.07 31.86
N ARG B 197 7.84 -9.64 32.47
CA ARG B 197 8.42 -9.09 33.69
C ARG B 197 9.69 -8.31 33.39
N LEU B 198 10.23 -8.46 32.19
CA LEU B 198 11.46 -7.81 31.77
C LEU B 198 11.31 -7.40 30.32
N PHE B 199 12.11 -6.41 29.91
CA PHE B 199 12.17 -6.05 28.50
C PHE B 199 13.56 -5.51 28.21
N VAL B 200 13.97 -5.61 26.94
CA VAL B 200 15.27 -5.15 26.48
C VAL B 200 15.04 -4.01 25.50
N SER B 201 15.94 -3.03 25.54
CA SER B 201 15.89 -1.90 24.63
C SER B 201 17.26 -1.69 24.00
N GLY B 202 17.28 -1.51 22.69
CA GLY B 202 18.50 -1.22 21.94
C GLY B 202 18.48 0.23 21.50
N ALA B 203 19.59 0.92 21.73
CA ALA B 203 19.67 2.34 21.45
C ALA B 203 20.81 2.63 20.48
N CYS B 204 21.05 3.92 20.25
CA CYS B 204 22.06 4.38 19.31
C CYS B 204 23.44 4.50 19.95
N ASP B 205 23.56 4.15 21.22
CA ASP B 205 24.86 4.12 21.89
C ASP B 205 25.51 2.75 21.75
N ALA B 206 24.97 1.89 20.88
CA ALA B 206 25.49 0.55 20.62
C ALA B 206 25.47 -0.32 21.86
N SER B 207 24.48 -0.12 22.72
CA SER B 207 24.30 -0.92 23.91
C SER B 207 22.85 -1.36 24.04
N ALA B 208 22.67 -2.56 24.58
CA ALA B 208 21.34 -3.11 24.84
C ALA B 208 21.21 -3.26 26.34
N LYS B 209 20.14 -2.72 26.91
CA LYS B 209 19.96 -2.68 28.35
C LYS B 209 18.74 -3.52 28.71
N LEU B 210 18.89 -4.38 29.72
CA LEU B 210 17.79 -5.20 30.23
C LEU B 210 17.06 -4.41 31.31
N TRP B 211 15.75 -4.23 31.15
CA TRP B 211 15.00 -3.41 32.08
C TRP B 211 13.88 -4.24 32.69
N ASP B 212 13.73 -4.21 34.01
CA ASP B 212 12.59 -4.88 34.63
C ASP B 212 11.43 -3.90 34.75
N VAL B 213 10.24 -4.34 34.36
CA VAL B 213 9.07 -3.49 34.32
C VAL B 213 8.60 -3.05 35.70
N ARG B 214 8.60 -3.96 36.68
CA ARG B 214 7.99 -3.62 37.97
C ARG B 214 8.78 -2.60 38.78
N GLU B 215 10.09 -2.72 38.90
CA GLU B 215 10.79 -1.76 39.76
C GLU B 215 11.56 -0.69 39.00
N GLY B 216 11.55 -0.73 37.68
CA GLY B 216 12.13 0.31 36.84
C GLY B 216 13.63 0.52 36.80
N MET B 217 14.44 -0.51 37.05
CA MET B 217 15.89 -0.34 37.04
C MET B 217 16.47 -1.22 35.95
N CYS B 218 17.66 -0.87 35.49
CA CYS B 218 18.37 -1.62 34.46
C CYS B 218 19.26 -2.67 35.15
N ARG B 219 18.91 -3.93 34.93
CA ARG B 219 19.66 -5.04 35.52
C ARG B 219 21.00 -5.26 34.82
N GLN B 220 21.02 -5.23 33.49
CA GLN B 220 22.23 -5.55 32.75
C GLN B 220 22.37 -4.68 31.51
N THR B 221 23.62 -4.48 31.07
CA THR B 221 23.93 -3.70 29.88
C THR B 221 24.84 -4.52 28.97
N PHE B 222 24.50 -4.61 27.69
CA PHE B 222 25.22 -5.43 26.72
C PHE B 222 25.79 -4.51 25.64
N THR B 223 27.12 -4.54 25.46
CA THR B 223 27.78 -3.56 24.60
C THR B 223 28.66 -4.18 23.51
N GLY B 224 28.28 -5.33 22.96
CA GLY B 224 29.09 -5.88 21.88
C GLY B 224 29.05 -5.09 20.58
N HIS B 225 27.90 -4.52 20.25
CA HIS B 225 27.70 -3.89 18.94
C HIS B 225 28.62 -2.69 18.73
N GLU B 226 29.06 -2.51 17.48
CA GLU B 226 29.95 -1.42 17.13
C GLU B 226 29.22 -0.19 16.59
N SER B 227 27.91 -0.29 16.36
CA SER B 227 27.14 0.79 15.77
C SER B 227 25.74 0.79 16.38
N ASP B 228 24.90 1.70 15.90
CA ASP B 228 23.56 1.86 16.46
C ASP B 228 22.77 0.58 16.32
N ILE B 229 22.09 0.18 17.40
CA ILE B 229 21.25 -1.01 17.39
C ILE B 229 19.84 -0.62 16.95
N ASN B 230 19.37 -1.23 15.87
CA ASN B 230 18.08 -0.86 15.30
C ASN B 230 16.97 -1.85 15.61
N ALA B 231 17.31 -3.09 15.95
CA ALA B 231 16.32 -4.13 16.18
C ALA B 231 16.74 -4.97 17.38
N ILE B 232 15.76 -5.41 18.15
CA ILE B 232 15.99 -6.30 19.28
C ILE B 232 14.83 -7.28 19.36
N CYS B 233 15.14 -8.55 19.68
CA CYS B 233 14.12 -9.57 19.85
C CYS B 233 14.54 -10.55 20.94
N PHE B 234 13.59 -10.93 21.79
CA PHE B 234 13.85 -11.95 22.80
C PHE B 234 13.79 -13.35 22.22
N PHE B 235 14.57 -14.24 22.81
CA PHE B 235 14.52 -15.65 22.43
C PHE B 235 13.22 -16.23 23.01
N PRO B 236 12.64 -17.25 22.37
CA PRO B 236 11.37 -17.78 22.90
C PRO B 236 11.47 -18.26 24.34
N ASP B 237 12.65 -18.73 24.75
CA ASP B 237 12.86 -19.14 26.13
C ASP B 237 12.72 -17.96 27.09
N GLY B 238 13.16 -16.79 26.65
CA GLY B 238 13.16 -15.60 27.46
C GLY B 238 14.46 -15.35 28.18
N ASN B 239 15.49 -16.15 27.93
CA ASN B 239 16.76 -16.08 28.64
C ASN B 239 17.87 -15.56 27.74
N ALA B 240 17.54 -15.17 26.52
CA ALA B 240 18.51 -14.60 25.59
C ALA B 240 17.77 -13.69 24.63
N PHE B 241 18.53 -12.83 23.96
CA PHE B 241 17.96 -11.95 22.96
C PHE B 241 18.98 -11.72 21.86
N ALA B 242 18.50 -11.27 20.71
CA ALA B 242 19.34 -10.97 19.56
C ALA B 242 19.11 -9.55 19.10
N THR B 243 20.19 -8.87 18.75
CA THR B 243 20.15 -7.48 18.34
C THR B 243 20.58 -7.34 16.89
N GLY B 244 20.12 -6.27 16.26
CA GLY B 244 20.48 -5.95 14.89
C GLY B 244 21.01 -4.54 14.85
N SER B 245 22.12 -4.31 14.16
CA SER B 245 22.78 -3.01 14.20
C SER B 245 23.14 -2.53 12.81
N ASP B 246 23.58 -1.27 12.76
CA ASP B 246 23.99 -0.63 11.51
C ASP B 246 25.35 -1.11 11.01
N ASP B 247 26.05 -1.93 11.79
CA ASP B 247 27.34 -2.47 11.38
C ASP B 247 27.20 -3.77 10.59
N ALA B 248 25.98 -4.07 10.13
CA ALA B 248 25.69 -5.23 9.28
C ALA B 248 25.92 -6.54 10.01
N THR B 249 25.77 -6.53 11.33
CA THR B 249 26.03 -7.69 12.16
C THR B 249 24.90 -7.90 13.16
N CYS B 250 24.42 -9.13 13.27
CA CYS B 250 23.47 -9.50 14.31
C CYS B 250 24.23 -10.33 15.33
N ARG B 251 23.97 -10.09 16.60
CA ARG B 251 24.59 -10.92 17.63
C ARG B 251 23.57 -11.31 18.70
N LEU B 252 23.85 -12.44 19.34
CA LEU B 252 22.98 -13.01 20.36
C LEU B 252 23.63 -12.83 21.74
N PHE B 253 22.85 -12.33 22.69
CA PHE B 253 23.32 -12.11 24.04
C PHE B 253 22.54 -12.99 25.01
N ASP B 254 23.23 -13.54 26.00
CA ASP B 254 22.61 -14.35 27.02
C ASP B 254 22.43 -13.54 28.30
N LEU B 255 21.21 -13.54 28.83
CA LEU B 255 20.93 -12.81 30.06
C LEU B 255 21.68 -13.40 31.25
N ARG B 256 21.65 -14.73 31.37
CA ARG B 256 22.28 -15.40 32.51
C ARG B 256 23.80 -15.33 32.46
N ALA B 257 24.39 -15.50 31.27
CA ALA B 257 25.84 -15.39 31.18
C ALA B 257 26.31 -13.94 31.11
N ASP B 258 25.40 -13.00 30.86
CA ASP B 258 25.70 -11.58 30.83
C ASP B 258 26.71 -11.20 29.76
N GLN B 259 26.67 -11.88 28.62
CA GLN B 259 27.65 -11.59 27.59
C GLN B 259 27.11 -12.05 26.24
N GLU B 260 27.83 -11.66 25.20
CA GLU B 260 27.48 -12.03 23.83
C GLU B 260 27.87 -13.48 23.60
N LEU B 261 26.99 -14.23 22.95
CA LEU B 261 27.29 -15.64 22.75
C LEU B 261 27.83 -15.93 21.36
N MET B 262 27.20 -15.40 20.32
CA MET B 262 27.65 -15.68 18.97
C MET B 262 27.32 -14.47 18.10
N THR B 263 28.05 -14.34 17.00
CA THR B 263 27.88 -13.25 16.04
C THR B 263 27.47 -13.75 14.67
N TYR B 264 26.44 -13.13 14.10
CA TYR B 264 25.90 -13.46 12.78
C TYR B 264 26.33 -12.39 11.78
N SER B 265 27.38 -12.66 11.03
CA SER B 265 27.92 -11.70 10.09
C SER B 265 28.42 -12.43 8.84
N HIS B 266 28.27 -11.79 7.69
CA HIS B 266 28.79 -12.33 6.44
C HIS B 266 29.56 -11.24 5.71
N ASP B 267 30.59 -11.64 4.98
CA ASP B 267 31.42 -10.66 4.26
C ASP B 267 30.66 -9.97 3.15
N ASN B 268 29.70 -10.66 2.52
CA ASN B 268 28.91 -10.06 1.45
C ASN B 268 27.89 -9.05 1.95
N ILE B 269 27.61 -9.03 3.25
CA ILE B 269 26.57 -8.18 3.81
C ILE B 269 27.22 -7.00 4.52
N ILE B 270 26.96 -5.79 4.02
CA ILE B 270 27.56 -4.58 4.54
C ILE B 270 26.52 -3.55 4.97
N CYS B 271 25.24 -3.87 4.88
CA CYS B 271 24.16 -2.94 5.19
C CYS B 271 23.59 -3.26 6.57
N GLY B 272 22.95 -2.26 7.16
CA GLY B 272 22.43 -2.42 8.50
C GLY B 272 21.20 -3.31 8.56
N ILE B 273 20.91 -3.78 9.77
CA ILE B 273 19.74 -4.61 10.03
C ILE B 273 18.63 -3.73 10.58
N THR B 274 17.44 -3.86 10.01
CA THR B 274 16.30 -3.06 10.42
C THR B 274 15.34 -3.81 11.34
N SER B 275 15.28 -5.13 11.24
CA SER B 275 14.34 -5.92 12.01
C SER B 275 14.96 -7.26 12.35
N VAL B 276 14.64 -7.77 13.54
CA VAL B 276 15.13 -9.06 14.02
C VAL B 276 13.96 -9.81 14.64
N SER B 277 13.81 -11.08 14.27
CA SER B 277 12.80 -11.93 14.88
C SER B 277 13.29 -13.37 14.91
N PHE B 278 12.75 -14.15 15.85
CA PHE B 278 13.12 -15.54 16.03
C PHE B 278 11.96 -16.43 15.61
N SER B 279 12.28 -17.68 15.28
CA SER B 279 11.25 -18.65 14.97
C SER B 279 10.69 -19.21 16.28
N LYS B 280 9.60 -19.99 16.17
CA LYS B 280 8.94 -20.49 17.36
C LYS B 280 9.90 -21.35 18.20
N SER B 281 10.68 -22.20 17.53
CA SER B 281 11.68 -23.01 18.22
C SER B 281 12.82 -22.15 18.75
N GLY B 282 13.18 -21.09 18.04
CA GLY B 282 14.36 -20.31 18.32
C GLY B 282 15.56 -20.72 17.51
N ARG B 283 15.42 -21.75 16.67
CA ARG B 283 16.54 -22.25 15.88
C ARG B 283 16.92 -21.31 14.76
N LEU B 284 15.97 -20.58 14.21
CA LEU B 284 16.20 -19.69 13.08
C LEU B 284 16.05 -18.26 13.54
N LEU B 285 16.99 -17.41 13.14
CA LEU B 285 16.95 -15.98 13.41
C LEU B 285 16.67 -15.26 12.10
N LEU B 286 15.58 -14.50 12.05
CA LEU B 286 15.18 -13.79 10.84
C LEU B 286 15.57 -12.33 11.01
N ALA B 287 16.39 -11.82 10.09
CA ALA B 287 16.86 -10.46 10.15
C ALA B 287 16.54 -9.72 8.85
N GLY B 288 15.97 -8.52 8.96
CA GLY B 288 15.74 -7.72 7.79
C GLY B 288 16.98 -6.89 7.50
N TYR B 289 17.19 -6.55 6.22
CA TYR B 289 18.43 -5.81 5.84
C TYR B 289 18.08 -4.67 4.87
N ASP B 290 19.09 -3.87 4.50
CA ASP B 290 18.89 -2.73 3.56
C ASP B 290 19.28 -3.15 2.13
N ASP B 291 19.66 -4.41 1.94
CA ASP B 291 20.07 -4.90 0.59
C ASP B 291 18.81 -5.34 -0.18
N PHE B 292 17.63 -5.24 0.46
CA PHE B 292 16.32 -5.59 -0.16
C PHE B 292 16.10 -7.10 -0.09
N ASN B 293 17.02 -7.84 0.55
CA ASN B 293 16.82 -9.29 0.72
C ASN B 293 16.93 -9.70 2.20
N CYS B 294 15.85 -10.25 2.76
CA CYS B 294 15.88 -10.77 4.16
C CYS B 294 16.78 -12.01 4.22
N ASN B 295 17.39 -12.28 5.37
CA ASN B 295 18.29 -13.41 5.57
C ASN B 295 17.85 -14.25 6.76
N VAL B 296 17.92 -15.56 6.60
CA VAL B 296 17.56 -16.51 7.65
C VAL B 296 18.85 -17.09 8.21
N TRP B 297 19.01 -17.01 9.53
CA TRP B 297 20.23 -17.45 10.19
C TRP B 297 19.93 -18.64 11.08
N ASP B 298 20.85 -19.60 11.08
CA ASP B 298 20.78 -20.70 12.03
C ASP B 298 21.27 -20.16 13.37
N ALA B 299 20.37 -20.05 14.34
CA ALA B 299 20.73 -19.38 15.59
C ALA B 299 21.74 -20.15 16.43
N LEU B 300 21.96 -21.43 16.15
CA LEU B 300 22.85 -22.23 16.98
C LEU B 300 24.25 -22.41 16.39
N LYS B 301 24.36 -22.35 15.06
CA LYS B 301 25.61 -22.59 14.36
C LYS B 301 26.14 -21.36 13.63
N ALA B 302 25.38 -20.26 13.64
CA ALA B 302 25.74 -18.99 13.01
C ALA B 302 25.84 -19.10 11.50
N ASP B 303 25.15 -20.07 10.92
CA ASP B 303 25.12 -20.24 9.48
C ASP B 303 23.93 -19.46 8.93
N ARG B 304 24.01 -19.11 7.65
CA ARG B 304 22.88 -18.46 6.98
C ARG B 304 22.11 -19.56 6.26
N ALA B 305 20.94 -19.89 6.81
CA ALA B 305 20.11 -20.95 6.27
C ALA B 305 19.50 -20.59 4.93
N GLY B 306 19.04 -19.36 4.76
CA GLY B 306 18.38 -19.01 3.53
C GLY B 306 18.21 -17.51 3.40
N VAL B 307 17.69 -17.11 2.25
CA VAL B 307 17.44 -15.71 1.95
C VAL B 307 16.00 -15.55 1.50
N LEU B 308 15.34 -14.51 1.99
CA LEU B 308 14.00 -14.14 1.58
C LEU B 308 14.15 -12.88 0.73
N ALA B 309 13.97 -13.01 -0.59
CA ALA B 309 14.20 -11.89 -1.50
C ALA B 309 12.95 -11.68 -2.35
N GLY B 310 12.06 -10.82 -1.87
CA GLY B 310 10.85 -10.53 -2.61
C GLY B 310 10.45 -9.07 -2.53
N HIS B 311 11.32 -8.23 -1.98
CA HIS B 311 11.01 -6.77 -1.96
C HIS B 311 11.96 -6.01 -2.89
N ASP B 312 11.52 -4.88 -3.43
CA ASP B 312 12.39 -4.03 -4.30
C ASP B 312 12.99 -2.92 -3.43
N ASN B 313 12.63 -2.90 -2.14
CA ASN B 313 13.11 -1.83 -1.23
C ASN B 313 13.43 -2.34 0.18
N ARG B 314 13.89 -1.44 1.07
CA ARG B 314 14.29 -1.90 2.44
C ARG B 314 13.20 -2.64 3.20
N VAL B 315 13.55 -3.74 3.87
CA VAL B 315 12.54 -4.58 4.60
C VAL B 315 12.57 -3.90 5.97
N SER B 316 11.67 -2.93 6.18
CA SER B 316 11.69 -2.11 7.38
C SER B 316 11.16 -2.81 8.61
N CYS B 317 10.29 -3.81 8.45
CA CYS B 317 9.67 -4.49 9.57
C CYS B 317 9.57 -5.98 9.30
N LEU B 318 9.55 -6.76 10.37
CA LEU B 318 9.50 -8.21 10.25
C LEU B 318 8.81 -8.78 11.48
N GLY B 319 7.99 -9.81 11.29
CA GLY B 319 7.35 -10.47 12.40
C GLY B 319 7.05 -11.92 12.10
N VAL B 320 7.14 -12.75 13.14
CA VAL B 320 6.78 -14.17 13.06
C VAL B 320 5.55 -14.40 13.91
N THR B 321 4.64 -15.26 13.43
CA THR B 321 3.40 -15.53 14.14
C THR B 321 3.66 -16.29 15.44
N ASP B 322 2.72 -16.18 16.37
CA ASP B 322 2.88 -16.85 17.66
C ASP B 322 2.90 -18.36 17.51
N ASP B 323 2.22 -18.91 16.51
CA ASP B 323 2.27 -20.35 16.26
C ASP B 323 3.43 -20.74 15.36
N GLY B 324 4.18 -19.77 14.84
CA GLY B 324 5.35 -20.07 14.05
C GLY B 324 5.06 -20.48 12.63
N MET B 325 3.81 -20.38 12.20
CA MET B 325 3.43 -20.88 10.88
C MET B 325 4.01 -20.01 9.77
N ALA B 326 4.02 -18.71 9.95
CA ALA B 326 4.45 -17.82 8.88
C ALA B 326 5.23 -16.64 9.43
N VAL B 327 5.97 -15.99 8.53
CA VAL B 327 6.73 -14.78 8.83
C VAL B 327 6.28 -13.72 7.85
N ALA B 328 6.04 -12.51 8.36
CA ALA B 328 5.62 -11.39 7.53
C ALA B 328 6.73 -10.34 7.48
N THR B 329 7.08 -9.93 6.28
CA THR B 329 8.09 -8.91 6.06
C THR B 329 7.46 -7.72 5.37
N GLY B 330 7.47 -6.56 6.01
CA GLY B 330 7.03 -5.34 5.38
C GLY B 330 8.23 -4.59 4.88
N SER B 331 8.02 -3.70 3.92
CA SER B 331 9.15 -3.04 3.30
C SER B 331 8.77 -1.65 2.81
N TRP B 332 9.80 -0.90 2.41
CA TRP B 332 9.67 0.47 1.93
C TRP B 332 9.11 0.53 0.52
N ASP B 333 8.91 -0.62 -0.12
CA ASP B 333 8.32 -0.69 -1.45
C ASP B 333 6.80 -0.71 -1.40
N SER B 334 6.21 -0.49 -0.21
CA SER B 334 4.77 -0.36 0.00
C SER B 334 4.06 -1.70 0.06
N PHE B 335 4.76 -2.82 0.24
CA PHE B 335 4.06 -4.11 0.21
C PHE B 335 4.45 -4.97 1.40
N LEU B 336 3.52 -5.75 1.93
CA LEU B 336 3.83 -6.71 3.02
C LEU B 336 3.73 -8.09 2.39
N LYS B 337 4.68 -8.95 2.68
CA LYS B 337 4.61 -10.32 2.17
C LYS B 337 4.57 -11.34 3.29
N ILE B 338 3.83 -12.41 3.09
CA ILE B 338 3.74 -13.51 4.04
C ILE B 338 4.55 -14.67 3.47
N TRP B 339 5.45 -15.22 4.28
CA TRP B 339 6.37 -16.26 3.82
C TRP B 339 6.13 -17.54 4.61
N ASN B 340 6.24 -18.67 3.94
CA ASN B 340 5.98 -19.96 4.57
C ASN B 340 6.83 -21.05 3.93
N ILE C 9 28.39 16.27 37.00
CA ILE C 9 29.05 15.67 38.15
C ILE C 9 28.09 14.76 38.90
N ALA C 10 26.81 15.15 38.95
CA ALA C 10 25.78 14.29 39.54
C ALA C 10 25.60 13.02 38.71
N GLN C 11 25.71 13.13 37.39
CA GLN C 11 25.52 11.99 36.50
C GLN C 11 26.53 10.88 36.78
N ALA C 12 27.77 11.24 37.08
CA ALA C 12 28.81 10.24 37.31
C ALA C 12 28.51 9.37 38.53
N ARG C 13 28.00 9.97 39.62
CA ARG C 13 27.69 9.19 40.80
C ARG C 13 26.60 8.15 40.53
N LYS C 14 25.58 8.52 39.76
CA LYS C 14 24.54 7.57 39.39
C LYS C 14 25.13 6.46 38.54
N LEU C 15 26.04 6.80 37.64
CA LEU C 15 26.69 5.77 36.83
C LEU C 15 27.50 4.83 37.70
N VAL C 16 28.19 5.36 38.72
CA VAL C 16 28.93 4.49 39.62
C VAL C 16 27.98 3.54 40.36
N GLN C 17 26.85 4.05 40.84
CA GLN C 17 25.94 3.19 41.60
C GLN C 17 25.35 2.12 40.69
N GLN C 18 25.04 2.49 39.44
CA GLN C 18 24.49 1.53 38.49
C GLN C 18 25.52 0.46 38.15
N LEU C 19 26.79 0.85 37.96
CA LEU C 19 27.81 -0.17 37.72
C LEU C 19 28.00 -1.05 38.94
N LYS C 20 27.80 -0.50 40.14
CA LYS C 20 27.85 -1.34 41.34
C LYS C 20 26.75 -2.38 41.30
N MET C 21 25.57 -1.98 40.83
CA MET C 21 24.41 -2.88 40.85
C MET C 21 24.50 -3.91 39.73
N GLU C 22 25.18 -3.57 38.64
CA GLU C 22 25.35 -4.49 37.52
C GLU C 22 26.50 -5.46 37.74
N ALA C 23 27.57 -5.01 38.41
CA ALA C 23 28.69 -5.90 38.68
C ALA C 23 28.32 -6.98 39.70
N ASN C 24 27.54 -6.64 40.71
CA ASN C 24 27.23 -7.57 41.80
C ASN C 24 26.03 -8.44 41.43
N ILE C 25 26.22 -9.27 40.41
CA ILE C 25 25.21 -10.24 39.98
C ILE C 25 25.88 -11.60 39.88
N ASP C 26 25.06 -12.64 39.82
CA ASP C 26 25.56 -14.00 39.70
C ASP C 26 25.51 -14.43 38.24
N ARG C 27 26.66 -14.74 37.68
CA ARG C 27 26.77 -15.14 36.28
C ARG C 27 27.01 -16.64 36.19
N ILE C 28 26.34 -17.29 35.25
CA ILE C 28 26.56 -18.70 35.00
C ILE C 28 27.53 -18.82 33.83
N LYS C 29 28.10 -20.01 33.66
CA LYS C 29 29.09 -20.21 32.61
C LYS C 29 28.45 -20.24 31.24
N VAL C 30 29.23 -19.86 30.22
CA VAL C 30 28.71 -19.85 28.86
C VAL C 30 28.44 -21.27 28.38
N SER C 31 29.27 -22.24 28.80
CA SER C 31 29.02 -23.63 28.47
C SER C 31 27.70 -24.10 29.06
N LYS C 32 27.36 -23.63 30.26
CA LYS C 32 26.16 -24.06 30.95
C LYS C 32 24.97 -23.20 30.56
N ALA C 33 25.20 -22.20 29.71
CA ALA C 33 24.17 -21.34 29.18
C ALA C 33 23.85 -21.62 27.73
N ALA C 34 24.87 -22.00 26.94
CA ALA C 34 24.67 -22.40 25.56
C ALA C 34 23.93 -23.74 25.49
N ALA C 35 24.20 -24.62 26.45
CA ALA C 35 23.57 -25.94 26.51
C ALA C 35 22.07 -25.84 26.76
N ASP C 36 21.61 -24.75 27.37
CA ASP C 36 20.18 -24.56 27.61
C ASP C 36 19.45 -24.07 26.37
N LEU C 37 20.11 -23.25 25.54
CA LEU C 37 19.48 -22.83 24.30
C LEU C 37 19.34 -24.00 23.33
N MET C 38 20.36 -24.87 23.25
CA MET C 38 20.21 -26.01 22.35
C MET C 38 19.10 -26.93 22.82
N ALA C 39 18.99 -27.14 24.13
CA ALA C 39 17.94 -27.99 24.68
C ALA C 39 16.57 -27.43 24.33
N TYR C 40 16.44 -26.11 24.41
CA TYR C 40 15.16 -25.52 24.04
C TYR C 40 14.90 -25.80 22.56
N CYS C 41 15.93 -25.70 21.72
CA CYS C 41 15.70 -25.92 20.30
C CYS C 41 15.33 -27.38 19.98
N GLU C 42 16.02 -28.37 20.59
CA GLU C 42 15.66 -29.75 20.25
C GLU C 42 14.29 -30.10 20.80
N ALA C 43 13.97 -29.62 22.00
CA ALA C 43 12.66 -29.93 22.56
C ALA C 43 11.54 -29.33 21.74
N HIS C 44 11.75 -28.17 21.13
CA HIS C 44 10.68 -27.48 20.41
C HIS C 44 10.87 -27.54 18.90
N ALA C 45 11.73 -28.46 18.42
CA ALA C 45 12.01 -28.56 16.99
C ALA C 45 10.79 -29.02 16.21
N LYS C 46 10.03 -29.98 16.77
CA LYS C 46 8.87 -30.52 16.07
C LYS C 46 7.78 -29.47 15.89
N GLU C 47 7.60 -28.59 16.88
CA GLU C 47 6.56 -27.58 16.83
C GLU C 47 7.05 -26.27 16.24
N ASP C 48 7.89 -26.34 15.21
CA ASP C 48 8.35 -25.17 14.48
C ASP C 48 8.06 -25.37 12.99
N PRO C 49 7.01 -24.76 12.47
CA PRO C 49 6.69 -24.91 11.03
C PRO C 49 7.77 -24.36 10.10
N LEU C 50 8.53 -23.36 10.55
CA LEU C 50 9.57 -22.80 9.69
C LEU C 50 10.73 -23.77 9.48
N LEU C 51 11.10 -24.55 10.50
CA LEU C 51 12.22 -25.47 10.32
C LEU C 51 11.83 -26.59 9.37
N THR C 52 10.70 -27.25 9.63
CA THR C 52 10.29 -28.39 8.84
C THR C 52 9.10 -27.97 7.96
N PRO C 53 9.21 -27.98 6.65
CA PRO C 53 8.10 -27.49 5.82
C PRO C 53 6.87 -28.37 6.03
N VAL C 54 5.83 -27.78 6.59
CA VAL C 54 4.63 -28.53 6.97
C VAL C 54 3.87 -28.88 5.69
N PRO C 55 3.21 -30.05 5.62
CA PRO C 55 2.38 -30.35 4.45
C PRO C 55 1.26 -29.35 4.28
N ALA C 56 0.88 -29.15 3.02
CA ALA C 56 -0.10 -28.13 2.65
C ALA C 56 -1.51 -28.44 3.12
N SER C 57 -1.78 -29.66 3.60
CA SER C 57 -3.11 -29.96 4.13
C SER C 57 -3.43 -29.11 5.34
N GLN C 58 -2.47 -28.90 6.25
CA GLN C 58 -2.74 -28.16 7.47
C GLN C 58 -2.03 -26.81 7.48
N ASN C 59 -1.61 -26.33 6.31
CA ASN C 59 -1.00 -25.02 6.20
C ASN C 59 -2.09 -24.04 5.78
N PRO C 60 -2.39 -23.01 6.57
CA PRO C 60 -3.50 -22.11 6.22
C PRO C 60 -3.23 -21.24 5.00
N PHE C 61 -1.99 -21.17 4.50
CA PHE C 61 -1.70 -20.43 3.28
C PHE C 61 -1.57 -21.46 2.16
N ARG C 62 -2.72 -21.96 1.72
CA ARG C 62 -2.80 -23.05 0.73
C ARG C 62 -2.05 -24.27 1.24
N VAL D 1 -26.25 3.53 20.32
CA VAL D 1 -26.85 2.92 19.14
C VAL D 1 -28.36 2.95 19.27
N GLN D 2 -29.04 3.47 18.25
CA GLN D 2 -30.49 3.50 18.24
C GLN D 2 -31.00 3.39 16.81
N LEU D 3 -32.02 2.54 16.62
CA LEU D 3 -32.70 2.41 15.34
C LEU D 3 -34.19 2.62 15.60
N VAL D 4 -34.78 3.62 14.93
CA VAL D 4 -36.18 3.96 15.10
C VAL D 4 -36.90 3.80 13.77
N GLU D 5 -37.96 3.01 13.77
CA GLU D 5 -38.68 2.66 12.54
C GLU D 5 -39.99 3.41 12.49
N SER D 6 -40.36 3.87 11.30
CA SER D 6 -41.62 4.59 11.10
C SER D 6 -42.20 4.21 9.75
N GLY D 7 -43.49 4.49 9.60
CA GLY D 7 -44.19 4.26 8.35
C GLY D 7 -45.31 3.25 8.45
N GLY D 8 -45.53 2.65 9.60
CA GLY D 8 -46.53 1.61 9.72
C GLY D 8 -47.94 2.15 9.87
N GLY D 9 -48.90 1.29 9.60
CA GLY D 9 -50.29 1.64 9.79
C GLY D 9 -51.19 0.65 9.09
N LEU D 10 -52.46 1.03 8.97
CA LEU D 10 -53.46 0.23 8.29
C LEU D 10 -53.46 0.58 6.81
N VAL D 11 -53.13 -0.39 5.97
CA VAL D 11 -53.04 -0.21 4.52
C VAL D 11 -54.00 -1.17 3.85
N GLN D 12 -54.69 -0.69 2.81
CA GLN D 12 -55.61 -1.54 2.07
C GLN D 12 -54.82 -2.52 1.22
N PRO D 13 -55.36 -3.72 0.97
CA PRO D 13 -54.65 -4.66 0.09
C PRO D 13 -54.49 -4.07 -1.30
N GLY D 14 -53.32 -4.31 -1.88
CA GLY D 14 -52.99 -3.79 -3.19
C GLY D 14 -52.33 -2.44 -3.14
N GLY D 15 -52.24 -1.83 -1.96
CA GLY D 15 -51.69 -0.51 -1.79
C GLY D 15 -50.18 -0.53 -1.62
N SER D 16 -49.64 0.66 -1.44
CA SER D 16 -48.20 0.86 -1.29
C SER D 16 -47.91 1.55 0.03
N ARG D 17 -46.70 1.35 0.53
CA ARG D 17 -46.28 1.96 1.78
C ARG D 17 -44.76 2.12 1.75
N LYS D 18 -44.26 3.10 2.50
CA LYS D 18 -42.83 3.36 2.58
C LYS D 18 -42.41 3.33 4.03
N LEU D 19 -41.47 2.44 4.38
CA LEU D 19 -40.99 2.30 5.74
C LEU D 19 -39.63 2.97 5.86
N SER D 20 -39.42 3.67 6.97
CA SER D 20 -38.17 4.37 7.22
C SER D 20 -37.56 3.90 8.53
N CYS D 21 -36.24 3.70 8.53
CA CYS D 21 -35.49 3.39 9.74
C CYS D 21 -34.43 4.48 9.90
N SER D 22 -34.56 5.28 10.95
CA SER D 22 -33.61 6.36 11.22
C SER D 22 -32.54 5.88 12.19
N ALA D 23 -31.31 5.75 11.69
CA ALA D 23 -30.23 5.26 12.52
C ALA D 23 -29.64 6.40 13.34
N SER D 24 -29.28 6.11 14.59
CA SER D 24 -28.68 7.10 15.46
C SER D 24 -27.67 6.43 16.37
N GLY D 25 -26.54 7.10 16.60
CA GLY D 25 -25.58 6.64 17.57
C GLY D 25 -24.51 5.71 17.07
N PHE D 26 -24.39 5.50 15.76
CA PHE D 26 -23.35 4.66 15.21
C PHE D 26 -23.06 5.07 13.77
N ALA D 27 -22.00 4.49 13.22
CA ALA D 27 -21.58 4.77 11.84
C ALA D 27 -22.46 3.98 10.90
N PHE D 28 -23.58 4.60 10.52
CA PHE D 28 -24.59 3.90 9.73
C PHE D 28 -24.05 3.46 8.38
N SER D 29 -23.20 4.27 7.76
CA SER D 29 -22.77 3.97 6.39
C SER D 29 -21.93 2.71 6.31
N SER D 30 -21.34 2.26 7.41
CA SER D 30 -20.42 1.14 7.41
C SER D 30 -21.09 -0.18 7.78
N PHE D 31 -22.39 -0.15 8.06
CA PHE D 31 -23.13 -1.32 8.50
C PHE D 31 -24.09 -1.78 7.42
N GLY D 32 -24.10 -3.08 7.13
CA GLY D 32 -25.13 -3.62 6.27
C GLY D 32 -26.44 -3.67 7.03
N MET D 33 -27.54 -3.46 6.32
CA MET D 33 -28.83 -3.37 6.99
C MET D 33 -29.80 -4.40 6.43
N HIS D 34 -30.66 -4.90 7.32
CA HIS D 34 -31.62 -5.94 6.99
C HIS D 34 -33.01 -5.52 7.44
N TRP D 35 -34.02 -6.08 6.81
CA TRP D 35 -35.40 -5.91 7.23
C TRP D 35 -35.90 -7.29 7.61
N VAL D 36 -36.45 -7.42 8.81
CA VAL D 36 -36.97 -8.68 9.30
C VAL D 36 -38.38 -8.45 9.82
N ARG D 37 -39.34 -9.16 9.27
CA ARG D 37 -40.72 -9.03 9.73
C ARG D 37 -41.05 -10.14 10.70
N GLN D 38 -42.03 -9.89 11.56
CA GLN D 38 -42.57 -10.93 12.41
C GLN D 38 -44.09 -10.86 12.35
N ALA D 39 -44.71 -11.90 11.82
CA ALA D 39 -46.14 -11.89 11.63
C ALA D 39 -46.83 -12.04 12.99
N PRO D 40 -48.08 -11.60 13.11
CA PRO D 40 -48.73 -11.65 14.42
C PRO D 40 -48.80 -13.08 14.94
N GLU D 41 -48.29 -13.28 16.16
CA GLU D 41 -48.30 -14.57 16.84
C GLU D 41 -47.57 -15.63 16.02
N LYS D 42 -46.51 -15.22 15.31
CA LYS D 42 -45.66 -16.11 14.53
C LYS D 42 -44.22 -15.63 14.68
N GLY D 43 -43.29 -16.37 14.08
CA GLY D 43 -41.88 -16.11 14.26
C GLY D 43 -41.28 -15.14 13.27
N LEU D 44 -39.96 -14.98 13.38
CA LEU D 44 -39.23 -14.02 12.56
C LEU D 44 -39.08 -14.50 11.12
N GLU D 45 -39.14 -13.56 10.19
CA GLU D 45 -38.94 -13.85 8.78
C GLU D 45 -38.10 -12.76 8.15
N TRP D 46 -37.02 -13.16 7.49
CA TRP D 46 -36.15 -12.21 6.81
C TRP D 46 -36.83 -11.68 5.56
N VAL D 47 -36.66 -10.38 5.28
CA VAL D 47 -37.31 -9.75 4.14
C VAL D 47 -36.30 -9.28 3.10
N ALA D 48 -35.32 -8.48 3.51
CA ALA D 48 -34.40 -7.90 2.53
C ALA D 48 -33.11 -7.52 3.22
N TYR D 49 -32.08 -7.32 2.41
CA TYR D 49 -30.78 -6.88 2.90
C TYR D 49 -30.14 -5.93 1.90
N ILE D 50 -29.47 -4.91 2.41
CA ILE D 50 -28.66 -4.02 1.59
C ILE D 50 -27.28 -3.93 2.23
N SER D 51 -26.24 -4.00 1.41
CA SER D 51 -24.89 -3.95 1.93
C SER D 51 -24.50 -2.52 2.28
N SER D 52 -23.36 -2.36 2.93
CA SER D 52 -22.81 -1.04 3.15
C SER D 52 -22.28 -0.53 1.83
N GLY D 53 -22.72 0.67 1.43
CA GLY D 53 -22.36 1.15 0.11
C GLY D 53 -23.36 0.78 -0.95
N SER D 54 -24.41 0.03 -0.60
CA SER D 54 -25.51 -0.34 -1.49
C SER D 54 -25.04 -1.20 -2.66
N GLY D 55 -23.87 -1.82 -2.52
CA GLY D 55 -23.35 -2.66 -3.58
C GLY D 55 -24.17 -3.90 -3.83
N THR D 56 -24.62 -4.56 -2.76
CA THR D 56 -25.32 -5.83 -2.87
C THR D 56 -26.68 -5.73 -2.18
N ILE D 57 -27.73 -6.13 -2.90
CA ILE D 57 -29.09 -6.14 -2.39
C ILE D 57 -29.69 -7.52 -2.59
N TYR D 58 -30.31 -8.06 -1.54
CA TYR D 58 -30.97 -9.35 -1.60
C TYR D 58 -32.40 -9.21 -1.09
N TYR D 59 -33.28 -10.05 -1.61
CA TYR D 59 -34.68 -10.03 -1.21
C TYR D 59 -35.16 -11.45 -0.98
N ALA D 60 -36.21 -11.57 -0.18
CA ALA D 60 -36.84 -12.86 0.01
C ALA D 60 -37.67 -13.21 -1.22
N ASP D 61 -37.92 -14.50 -1.42
CA ASP D 61 -38.73 -14.90 -2.57
C ASP D 61 -40.16 -14.40 -2.43
N THR D 62 -40.64 -14.26 -1.19
CA THR D 62 -42.00 -13.79 -0.96
C THR D 62 -42.18 -12.35 -1.43
N VAL D 63 -41.18 -11.51 -1.25
CA VAL D 63 -41.28 -10.08 -1.52
C VAL D 63 -40.45 -9.66 -2.71
N LYS D 64 -39.88 -10.60 -3.44
CA LYS D 64 -38.98 -10.24 -4.53
C LYS D 64 -39.81 -9.63 -5.66
N GLY D 65 -39.43 -8.43 -6.08
CA GLY D 65 -40.11 -7.78 -7.18
C GLY D 65 -41.20 -6.84 -6.75
N ARG D 66 -41.67 -6.96 -5.51
CA ARG D 66 -42.66 -6.05 -4.94
C ARG D 66 -42.03 -5.02 -4.01
N PHE D 67 -41.04 -5.43 -3.21
CA PHE D 67 -40.45 -4.57 -2.21
C PHE D 67 -39.07 -4.13 -2.70
N THR D 68 -38.72 -2.89 -2.43
CA THR D 68 -37.40 -2.37 -2.78
C THR D 68 -36.81 -1.69 -1.55
N ILE D 69 -35.57 -2.03 -1.24
CA ILE D 69 -34.86 -1.49 -0.07
C ILE D 69 -33.78 -0.54 -0.59
N SER D 70 -33.70 0.64 0.04
CA SER D 70 -32.73 1.65 -0.36
C SER D 70 -32.09 2.22 0.89
N ARG D 71 -30.98 2.92 0.71
CA ARG D 71 -30.20 3.46 1.81
C ARG D 71 -29.89 4.93 1.56
N ASP D 72 -29.94 5.74 2.62
CA ASP D 72 -29.53 7.15 2.57
C ASP D 72 -28.41 7.42 3.57
N ASP D 73 -27.16 7.27 3.13
CA ASP D 73 -26.04 7.43 4.05
C ASP D 73 -25.90 8.83 4.64
N PRO D 74 -26.03 9.92 3.88
CA PRO D 74 -25.96 11.25 4.52
C PRO D 74 -27.04 11.49 5.56
N LYS D 75 -28.25 10.97 5.35
CA LYS D 75 -29.34 11.18 6.28
C LYS D 75 -29.51 10.05 7.28
N ASN D 76 -28.68 9.01 7.20
CA ASN D 76 -28.69 7.90 8.16
C ASN D 76 -30.06 7.23 8.22
N THR D 77 -30.67 7.02 7.05
CA THR D 77 -32.02 6.47 6.96
C THR D 77 -32.02 5.27 6.04
N LEU D 78 -32.73 4.23 6.47
CA LEU D 78 -32.91 3.01 5.69
C LEU D 78 -34.37 2.96 5.26
N PHE D 79 -34.62 2.60 4.01
CA PHE D 79 -35.97 2.61 3.47
C PHE D 79 -36.39 1.24 2.96
N LEU D 80 -37.69 0.98 3.03
CA LEU D 80 -38.30 -0.19 2.42
C LEU D 80 -39.58 0.26 1.74
N GLN D 81 -39.57 0.36 0.41
CA GLN D 81 -40.76 0.71 -0.33
C GLN D 81 -41.50 -0.57 -0.67
N MET D 82 -42.75 -0.68 -0.23
CA MET D 82 -43.53 -1.91 -0.38
C MET D 82 -44.72 -1.65 -1.30
N THR D 83 -44.74 -2.31 -2.44
CA THR D 83 -45.80 -2.14 -3.42
C THR D 83 -46.62 -3.42 -3.51
N SER D 84 -47.88 -3.27 -3.93
CA SER D 84 -48.79 -4.40 -4.15
C SER D 84 -48.91 -5.24 -2.88
N LEU D 85 -49.16 -4.54 -1.77
CA LEU D 85 -49.25 -5.20 -0.47
C LEU D 85 -50.44 -6.14 -0.41
N ARG D 86 -50.22 -7.33 0.14
CA ARG D 86 -51.27 -8.29 0.41
C ARG D 86 -51.33 -8.57 1.91
N SER D 87 -52.40 -9.23 2.35
CA SER D 87 -52.63 -9.44 3.76
C SER D 87 -51.60 -10.34 4.44
N GLU D 88 -50.77 -11.07 3.69
CA GLU D 88 -49.72 -11.85 4.34
C GLU D 88 -48.57 -10.97 4.79
N ASP D 89 -48.56 -9.70 4.40
CA ASP D 89 -47.51 -8.76 4.78
C ASP D 89 -47.81 -8.05 6.10
N THR D 90 -48.94 -8.36 6.73
CA THR D 90 -49.22 -7.84 8.06
C THR D 90 -48.20 -8.43 9.03
N ALA D 91 -47.41 -7.58 9.66
CA ALA D 91 -46.32 -8.05 10.51
C ALA D 91 -45.72 -6.87 11.26
N MET D 92 -44.68 -7.16 12.03
CA MET D 92 -43.87 -6.16 12.70
C MET D 92 -42.54 -6.14 11.97
N TYR D 93 -42.17 -4.99 11.43
CA TYR D 93 -40.97 -4.89 10.63
C TYR D 93 -39.83 -4.35 11.48
N TYR D 94 -38.70 -5.05 11.45
CA TYR D 94 -37.55 -4.71 12.28
C TYR D 94 -36.40 -4.25 11.40
N CYS D 95 -35.70 -3.23 11.86
CA CYS D 95 -34.52 -2.73 11.18
C CYS D 95 -33.32 -3.30 11.92
N VAL D 96 -32.46 -4.01 11.22
CA VAL D 96 -31.33 -4.69 11.82
C VAL D 96 -30.04 -4.22 11.17
N ARG D 97 -29.02 -3.99 11.99
CA ARG D 97 -27.71 -3.60 11.48
C ARG D 97 -26.78 -4.81 11.55
N SER D 98 -25.96 -4.98 10.52
CA SER D 98 -25.00 -6.07 10.51
C SER D 98 -23.72 -5.61 9.83
N ILE D 99 -22.58 -5.82 10.48
CA ILE D 99 -21.29 -5.48 9.91
C ILE D 99 -20.51 -6.78 9.70
N TYR D 100 -19.87 -6.91 8.55
CA TYR D 100 -19.17 -8.16 8.21
C TYR D 100 -17.68 -7.95 8.02
N TYR D 101 -16.85 -8.50 8.88
CA TYR D 101 -15.38 -8.45 8.82
C TYR D 101 -14.94 -9.66 9.63
N TYR D 102 -13.69 -10.07 9.62
CA TYR D 102 -13.33 -11.23 10.44
C TYR D 102 -13.59 -10.89 11.90
N GLY D 103 -14.36 -11.71 12.59
CA GLY D 103 -14.61 -11.50 14.02
C GLY D 103 -15.76 -10.59 14.34
N SER D 104 -16.53 -10.18 13.35
CA SER D 104 -17.65 -9.25 13.55
C SER D 104 -18.82 -9.96 14.19
N SER D 105 -19.71 -9.23 14.82
CA SER D 105 -20.95 -9.81 15.36
C SER D 105 -22.05 -9.34 14.44
N PRO D 106 -22.47 -10.09 13.41
CA PRO D 106 -23.53 -9.63 12.59
C PRO D 106 -24.89 -9.74 13.29
N PHE D 107 -25.84 -8.84 13.06
CA PHE D 107 -27.22 -8.90 13.58
C PHE D 107 -27.23 -8.57 15.06
N ASP D 108 -26.36 -7.69 15.50
CA ASP D 108 -26.19 -7.41 16.93
C ASP D 108 -27.19 -6.41 17.47
N PHE D 109 -27.70 -5.49 16.64
CA PHE D 109 -28.69 -4.53 17.10
C PHE D 109 -29.93 -4.55 16.22
N TRP D 110 -31.10 -4.51 16.87
CA TRP D 110 -32.39 -4.55 16.21
C TRP D 110 -33.21 -3.35 16.66
N GLY D 111 -33.98 -2.77 15.75
CA GLY D 111 -34.84 -1.66 16.11
C GLY D 111 -36.10 -2.11 16.81
N GLN D 112 -36.86 -1.13 17.31
CA GLN D 112 -38.06 -1.46 18.08
C GLN D 112 -39.18 -2.00 17.21
N GLY D 113 -39.17 -1.72 15.92
CA GLY D 113 -40.15 -2.30 15.03
C GLY D 113 -41.30 -1.38 14.72
N THR D 114 -41.83 -1.50 13.50
CA THR D 114 -43.01 -0.76 13.05
C THR D 114 -44.07 -1.76 12.63
N THR D 115 -45.32 -1.51 13.04
CA THR D 115 -46.43 -2.39 12.73
C THR D 115 -47.12 -1.98 11.43
N LEU D 116 -47.14 -2.87 10.46
CA LEU D 116 -47.90 -2.68 9.22
C LEU D 116 -49.06 -3.64 9.22
N THR D 117 -50.28 -3.13 9.07
CA THR D 117 -51.48 -3.96 9.01
C THR D 117 -52.13 -3.85 7.65
N VAL D 118 -51.89 -4.83 6.78
CA VAL D 118 -52.57 -4.91 5.50
C VAL D 118 -53.88 -5.63 5.71
N SER D 119 -54.99 -4.99 5.35
CA SER D 119 -56.30 -5.56 5.62
C SER D 119 -56.65 -6.59 4.54
N SER D 120 -57.81 -7.23 4.71
CA SER D 120 -58.30 -8.19 3.73
C SER D 120 -59.64 -7.76 3.16
N SER D 135 -35.25 -25.33 -2.00
CA SER D 135 -33.85 -24.97 -2.13
C SER D 135 -33.34 -24.27 -0.87
N ASP D 136 -34.24 -23.54 -0.21
CA ASP D 136 -33.88 -22.77 0.97
C ASP D 136 -33.62 -23.70 2.15
N ILE D 137 -32.73 -23.27 3.04
CA ILE D 137 -32.35 -24.10 4.17
C ILE D 137 -33.45 -24.02 5.21
N VAL D 138 -33.91 -25.18 5.67
CA VAL D 138 -35.00 -25.28 6.63
C VAL D 138 -34.39 -25.47 8.01
N MET D 139 -34.71 -24.56 8.92
CA MET D 139 -34.22 -24.63 10.29
C MET D 139 -35.35 -25.15 11.18
N THR D 140 -35.12 -26.26 11.85
CA THR D 140 -36.15 -26.93 12.63
C THR D 140 -35.86 -26.84 14.13
N GLN D 141 -36.83 -26.34 14.88
CA GLN D 141 -36.79 -26.33 16.34
C GLN D 141 -37.88 -27.28 16.81
N ALA D 142 -37.47 -28.37 17.48
CA ALA D 142 -38.45 -29.41 17.80
C ALA D 142 -39.46 -28.92 18.82
N THR D 143 -39.00 -28.27 19.89
CA THR D 143 -39.86 -27.86 20.97
C THR D 143 -40.39 -26.45 20.72
N SER D 144 -41.66 -26.23 21.04
CA SER D 144 -42.23 -24.90 20.92
C SER D 144 -42.39 -24.19 22.26
N SER D 145 -42.51 -24.92 23.36
CA SER D 145 -42.73 -24.33 24.66
C SER D 145 -42.05 -25.19 25.72
N VAL D 146 -41.27 -24.57 26.61
CA VAL D 146 -40.60 -25.28 27.68
C VAL D 146 -40.96 -24.63 29.01
N PRO D 147 -41.60 -25.35 29.94
CA PRO D 147 -41.84 -24.80 31.27
C PRO D 147 -40.58 -24.88 32.12
N VAL D 148 -40.15 -23.75 32.67
CA VAL D 148 -38.89 -23.69 33.38
C VAL D 148 -39.09 -23.02 34.73
N THR D 149 -38.14 -23.27 35.63
CA THR D 149 -38.07 -22.65 36.94
C THR D 149 -36.70 -22.04 37.09
N PRO D 150 -36.58 -20.88 37.72
CA PRO D 150 -35.27 -20.21 37.81
C PRO D 150 -34.24 -21.07 38.53
N GLY D 151 -33.02 -21.04 38.02
CA GLY D 151 -31.90 -21.74 38.63
C GLY D 151 -31.49 -23.07 38.03
N GLU D 152 -32.05 -23.48 36.91
CA GLU D 152 -31.72 -24.79 36.34
C GLU D 152 -31.15 -24.61 34.94
N SER D 153 -30.57 -25.69 34.42
CA SER D 153 -30.00 -25.67 33.07
C SER D 153 -31.05 -26.03 32.04
N VAL D 154 -31.15 -25.21 30.99
CA VAL D 154 -32.07 -25.45 29.88
C VAL D 154 -31.26 -25.52 28.59
N SER D 155 -31.53 -26.54 27.78
CA SER D 155 -30.91 -26.70 26.48
C SER D 155 -31.96 -26.51 25.38
N ILE D 156 -31.68 -25.61 24.45
CA ILE D 156 -32.58 -25.31 23.35
C ILE D 156 -31.95 -25.88 22.09
N SER D 157 -32.63 -26.83 21.46
CA SER D 157 -32.10 -27.52 20.29
C SER D 157 -32.65 -26.94 19.00
N CYS D 158 -31.80 -26.85 17.99
CA CYS D 158 -32.17 -26.43 16.66
C CYS D 158 -31.53 -27.40 15.67
N ARG D 159 -32.17 -27.59 14.53
CA ARG D 159 -31.63 -28.46 13.49
C ARG D 159 -31.76 -27.79 12.13
N SER D 160 -30.90 -28.18 11.21
CA SER D 160 -30.85 -27.58 9.88
C SER D 160 -31.00 -28.66 8.81
N SER D 161 -31.66 -28.29 7.71
CA SER D 161 -31.79 -29.22 6.59
C SER D 161 -30.42 -29.53 5.98
N LYS D 162 -29.56 -28.52 5.89
CA LYS D 162 -28.23 -28.67 5.32
C LYS D 162 -27.20 -28.35 6.39
N SER D 163 -26.01 -28.91 6.26
CA SER D 163 -24.94 -28.61 7.20
C SER D 163 -24.54 -27.15 7.10
N LEU D 164 -24.43 -26.49 8.25
CA LEU D 164 -24.10 -25.07 8.31
C LEU D 164 -22.60 -24.84 8.44
N LEU D 165 -21.81 -25.90 8.56
CA LEU D 165 -20.36 -25.78 8.61
C LEU D 165 -19.83 -25.53 7.21
N HIS D 166 -19.02 -24.48 7.07
CA HIS D 166 -18.42 -24.13 5.80
C HIS D 166 -16.97 -24.63 5.75
N SER D 167 -16.38 -24.58 4.56
CA SER D 167 -15.00 -25.04 4.40
C SER D 167 -14.01 -24.24 5.24
N ASN D 168 -14.34 -22.99 5.56
CA ASN D 168 -13.42 -22.13 6.30
C ASN D 168 -13.45 -22.41 7.79
N GLY D 169 -14.31 -23.31 8.24
CA GLY D 169 -14.32 -23.69 9.66
C GLY D 169 -15.39 -23.00 10.43
N ASN D 170 -16.18 -22.16 9.78
CA ASN D 170 -17.17 -21.35 10.51
C ASN D 170 -18.53 -22.02 10.38
N THR D 171 -19.24 -22.22 11.48
CA THR D 171 -20.61 -22.75 11.44
C THR D 171 -21.49 -21.55 11.67
N TYR D 172 -22.28 -21.17 10.68
CA TYR D 172 -23.05 -19.93 10.75
C TYR D 172 -24.42 -20.16 11.35
N LEU D 173 -24.52 -20.32 12.66
CA LEU D 173 -25.83 -20.41 13.34
C LEU D 173 -25.93 -19.35 14.42
N TYR D 174 -26.86 -18.43 14.29
CA TYR D 174 -27.01 -17.32 15.24
C TYR D 174 -28.18 -17.67 16.14
N TRP D 175 -28.16 -17.24 17.38
CA TRP D 175 -29.26 -17.49 18.32
C TRP D 175 -29.75 -16.15 18.81
N PHE D 176 -31.04 -15.95 18.89
CA PHE D 176 -31.67 -14.70 19.30
C PHE D 176 -32.69 -14.97 20.39
N LEU D 177 -32.85 -14.01 21.29
CA LEU D 177 -33.88 -14.06 22.31
C LEU D 177 -34.79 -12.87 22.12
N GLN D 178 -36.09 -13.12 22.02
CA GLN D 178 -37.09 -12.05 21.95
C GLN D 178 -37.84 -12.00 23.27
N ARG D 179 -37.55 -11.00 24.07
CA ARG D 179 -38.23 -10.87 25.34
C ARG D 179 -39.64 -10.33 25.11
N PRO D 180 -40.58 -10.63 26.00
CA PRO D 180 -41.98 -10.24 25.75
C PRO D 180 -42.10 -8.74 25.48
N GLY D 181 -42.77 -8.41 24.39
CA GLY D 181 -42.95 -7.01 24.00
C GLY D 181 -41.64 -6.30 23.71
N GLN D 182 -40.67 -6.98 23.12
CA GLN D 182 -39.36 -6.40 22.85
C GLN D 182 -38.79 -7.00 21.58
N SER D 183 -37.84 -6.29 20.99
CA SER D 183 -37.20 -6.76 19.78
C SER D 183 -36.26 -7.92 20.11
N PRO D 184 -36.04 -8.82 19.16
CA PRO D 184 -35.07 -9.90 19.39
C PRO D 184 -33.66 -9.36 19.61
N GLN D 185 -32.93 -10.03 20.50
CA GLN D 185 -31.57 -9.66 20.84
C GLN D 185 -30.62 -10.79 20.47
N LEU D 186 -29.45 -10.45 19.96
CA LEU D 186 -28.47 -11.47 19.57
C LEU D 186 -27.84 -12.09 20.82
N LEU D 187 -27.82 -13.41 20.91
CA LEU D 187 -27.15 -14.09 22.04
C LEU D 187 -25.85 -14.73 21.54
N ILE D 188 -25.93 -15.63 20.55
CA ILE D 188 -24.71 -16.35 20.09
C ILE D 188 -24.52 -16.08 18.60
N TYR D 189 -23.29 -15.88 18.15
CA TYR D 189 -23.00 -15.72 16.71
C TYR D 189 -22.03 -16.80 16.26
N ARG D 190 -22.20 -17.32 15.06
CA ARG D 190 -21.32 -18.36 14.50
C ARG D 190 -21.24 -19.55 15.47
N MET D 191 -22.38 -19.98 16.00
CA MET D 191 -22.53 -21.19 16.85
C MET D 191 -22.04 -21.05 18.30
N SER D 192 -20.80 -20.65 18.53
CA SER D 192 -20.26 -20.67 19.92
C SER D 192 -19.93 -19.30 20.47
N ASN D 193 -19.76 -18.29 19.63
CA ASN D 193 -19.29 -16.96 20.09
C ASN D 193 -20.40 -16.25 20.84
N LEU D 194 -20.12 -15.71 22.03
CA LEU D 194 -21.15 -15.07 22.85
C LEU D 194 -21.15 -13.60 22.51
N ALA D 195 -22.31 -13.00 22.39
CA ALA D 195 -22.42 -11.63 21.93
C ALA D 195 -22.03 -10.65 23.04
N SER D 196 -21.77 -9.41 22.64
CA SER D 196 -21.35 -8.39 23.59
C SER D 196 -22.51 -8.06 24.52
N GLY D 197 -22.21 -8.02 25.82
CA GLY D 197 -23.19 -7.63 26.81
C GLY D 197 -24.04 -8.76 27.32
N VAL D 198 -23.86 -9.97 26.80
CA VAL D 198 -24.66 -11.12 27.18
C VAL D 198 -23.94 -11.87 28.29
N PRO D 199 -24.62 -12.26 29.36
CA PRO D 199 -23.97 -12.99 30.45
C PRO D 199 -23.37 -14.30 29.95
N GLU D 200 -22.45 -14.88 30.71
CA GLU D 200 -21.77 -16.11 30.25
C GLU D 200 -22.59 -17.32 30.62
N ARG D 201 -23.80 -17.12 31.14
CA ARG D 201 -24.68 -18.27 31.43
C ARG D 201 -25.01 -18.96 30.10
N PHE D 202 -25.07 -18.21 29.00
CA PHE D 202 -25.44 -18.76 27.68
C PHE D 202 -24.24 -19.36 26.95
N SER D 203 -24.37 -20.52 26.32
CA SER D 203 -23.32 -21.14 25.52
C SER D 203 -23.94 -21.95 24.40
N GLY D 204 -23.32 -21.87 23.22
CA GLY D 204 -23.80 -22.58 22.04
C GLY D 204 -22.80 -23.62 21.61
N SER D 205 -23.30 -24.82 21.32
CA SER D 205 -22.48 -25.90 20.80
C SER D 205 -23.28 -26.67 19.75
N GLY D 206 -22.58 -27.16 18.73
CA GLY D 206 -23.27 -27.82 17.63
C GLY D 206 -22.35 -28.71 16.83
N SER D 207 -22.98 -29.57 16.04
CA SER D 207 -22.29 -30.61 15.26
C SER D 207 -22.21 -30.28 13.78
N GLY D 208 -22.71 -29.13 13.35
CA GLY D 208 -22.78 -28.76 11.96
C GLY D 208 -24.15 -28.93 11.34
N THR D 209 -24.98 -29.82 11.90
CA THR D 209 -26.36 -29.97 11.48
C THR D 209 -27.34 -29.94 12.65
N ALA D 210 -26.89 -30.28 13.85
CA ALA D 210 -27.71 -30.24 15.06
C ALA D 210 -27.00 -29.35 16.07
N PHE D 211 -27.75 -28.43 16.68
CA PHE D 211 -27.14 -27.44 17.55
C PHE D 211 -28.00 -27.28 18.80
N THR D 212 -27.35 -26.82 19.87
CA THR D 212 -28.02 -26.62 21.14
C THR D 212 -27.58 -25.31 21.74
N LEU D 213 -28.45 -24.70 22.54
CA LEU D 213 -28.15 -23.49 23.29
C LEU D 213 -28.44 -23.80 24.74
N THR D 214 -27.43 -23.65 25.59
CA THR D 214 -27.56 -23.97 27.01
C THR D 214 -27.59 -22.71 27.86
N ILE D 215 -28.61 -22.60 28.70
CA ILE D 215 -28.71 -21.54 29.68
C ILE D 215 -28.37 -22.20 31.01
N SER D 216 -27.23 -21.81 31.60
CA SER D 216 -26.77 -22.51 32.80
C SER D 216 -27.70 -22.25 33.99
N ARG D 217 -28.01 -20.98 34.25
CA ARG D 217 -28.89 -20.61 35.35
C ARG D 217 -29.96 -19.66 34.84
N LEU D 218 -31.22 -19.92 35.17
CA LEU D 218 -32.26 -19.06 34.64
C LEU D 218 -32.42 -17.81 35.49
N GLU D 219 -33.08 -16.81 34.91
CA GLU D 219 -33.44 -15.57 35.57
C GLU D 219 -34.86 -15.23 35.15
N ALA D 220 -35.47 -14.23 35.75
CA ALA D 220 -36.80 -13.85 35.23
C ALA D 220 -36.61 -13.08 33.92
N GLU D 221 -35.36 -12.75 33.58
CA GLU D 221 -35.09 -11.91 32.39
C GLU D 221 -34.63 -12.80 31.24
N ASP D 222 -34.86 -14.10 31.37
CA ASP D 222 -34.50 -15.02 30.31
C ASP D 222 -35.71 -15.69 29.67
N VAL D 223 -36.92 -15.40 30.14
CA VAL D 223 -38.10 -15.95 29.49
C VAL D 223 -38.34 -15.23 28.18
N GLY D 224 -38.86 -15.95 27.21
CA GLY D 224 -39.07 -15.41 25.89
C GLY D 224 -38.98 -16.53 24.87
N VAL D 225 -38.93 -16.12 23.60
CA VAL D 225 -38.85 -17.04 22.48
C VAL D 225 -37.42 -17.01 21.95
N TYR D 226 -36.84 -18.19 21.73
CA TYR D 226 -35.46 -18.33 21.30
C TYR D 226 -35.45 -18.78 19.84
N TYR D 227 -34.79 -18.02 18.99
CA TYR D 227 -34.78 -18.27 17.57
C TYR D 227 -33.37 -18.62 17.10
N CYS D 228 -33.27 -19.59 16.19
CA CYS D 228 -32.01 -19.94 15.60
C CYS D 228 -32.06 -19.49 14.15
N MET D 229 -31.00 -18.83 13.69
CA MET D 229 -30.90 -18.38 12.32
C MET D 229 -29.62 -18.90 11.70
N GLN D 230 -29.67 -19.21 10.41
CA GLN D 230 -28.50 -19.56 9.64
C GLN D 230 -28.07 -18.37 8.80
N HIS D 231 -26.77 -18.20 8.64
CA HIS D 231 -26.23 -17.17 7.77
C HIS D 231 -25.29 -17.80 6.75
N LEU D 232 -25.50 -19.09 6.46
CA LEU D 232 -24.69 -19.77 5.46
C LEU D 232 -24.99 -19.24 4.06
N GLU D 233 -26.26 -19.04 3.73
CA GLU D 233 -26.66 -18.58 2.41
C GLU D 233 -27.98 -17.84 2.50
N TYR D 234 -28.25 -17.04 1.47
CA TYR D 234 -29.48 -16.27 1.34
C TYR D 234 -30.52 -17.09 0.59
N PRO D 235 -31.81 -16.98 0.93
CA PRO D 235 -32.40 -16.14 1.97
C PRO D 235 -32.12 -16.63 3.39
N LEU D 236 -31.93 -15.70 4.32
CA LEU D 236 -31.67 -16.08 5.70
C LEU D 236 -32.95 -16.63 6.32
N THR D 237 -32.84 -17.78 6.96
CA THR D 237 -33.99 -18.49 7.48
C THR D 237 -33.89 -18.65 8.99
N PHE D 238 -35.03 -18.59 9.65
CA PHE D 238 -35.13 -18.67 11.09
C PHE D 238 -35.88 -19.92 11.49
N GLY D 239 -35.72 -20.31 12.74
CA GLY D 239 -36.48 -21.41 13.28
C GLY D 239 -37.82 -20.93 13.79
N ALA D 240 -38.69 -21.86 14.12
CA ALA D 240 -40.02 -21.47 14.56
C ALA D 240 -39.99 -20.77 15.90
N GLY D 241 -38.96 -21.01 16.71
CA GLY D 241 -38.81 -20.38 17.99
C GLY D 241 -39.22 -21.26 19.14
N THR D 242 -38.42 -21.31 20.19
CA THR D 242 -38.73 -22.08 21.38
C THR D 242 -39.09 -21.11 22.51
N LYS D 243 -40.27 -21.31 23.09
CA LYS D 243 -40.77 -20.43 24.13
C LYS D 243 -40.33 -20.95 25.50
N LEU D 244 -39.84 -20.04 26.34
CA LEU D 244 -39.50 -20.36 27.72
C LEU D 244 -40.48 -19.65 28.63
N GLU D 245 -41.13 -20.40 29.50
CA GLU D 245 -42.10 -19.84 30.43
C GLU D 245 -41.81 -20.34 31.83
N LEU D 246 -42.29 -19.59 32.82
CA LEU D 246 -42.01 -19.89 34.21
C LEU D 246 -42.91 -21.01 34.74
N PRO E 39 12.83 -10.44 -56.85
CA PRO E 39 11.53 -10.63 -56.20
C PRO E 39 11.57 -11.74 -55.16
N ALA E 40 12.12 -12.88 -55.57
CA ALA E 40 12.17 -14.03 -54.66
C ALA E 40 13.14 -13.83 -53.50
N PRO E 41 14.38 -13.34 -53.70
CA PRO E 41 15.23 -13.11 -52.53
C PRO E 41 14.76 -12.00 -51.61
N LEU E 42 14.11 -10.96 -52.12
CA LEU E 42 13.74 -9.84 -51.25
C LEU E 42 12.87 -10.33 -50.10
N LEU E 43 12.02 -11.32 -50.37
CA LEU E 43 11.09 -11.81 -49.36
C LEU E 43 11.85 -12.34 -48.16
N ALA E 44 13.02 -12.94 -48.41
CA ALA E 44 13.86 -13.45 -47.32
C ALA E 44 14.28 -12.31 -46.41
N GLY E 45 14.73 -11.21 -46.99
CA GLY E 45 15.16 -10.09 -46.18
C GLY E 45 14.00 -9.52 -45.39
N VAL E 46 12.85 -9.36 -46.05
CA VAL E 46 11.70 -8.75 -45.40
C VAL E 46 11.19 -9.62 -44.25
N THR E 47 11.20 -10.94 -44.42
CA THR E 47 10.83 -11.83 -43.33
C THR E 47 11.85 -11.78 -42.21
N ALA E 48 13.14 -11.80 -42.53
CA ALA E 48 14.12 -11.82 -41.45
C ALA E 48 14.04 -10.52 -40.66
N THR E 49 13.87 -9.39 -41.35
CA THR E 49 13.70 -8.12 -40.67
C THR E 49 12.47 -8.17 -39.75
N CYS E 50 11.39 -8.78 -40.24
CA CYS E 50 10.17 -8.84 -39.44
C CYS E 50 10.39 -9.68 -38.19
N VAL E 51 11.09 -10.81 -38.33
CA VAL E 51 11.37 -11.67 -37.17
C VAL E 51 12.24 -10.93 -36.16
N ALA E 52 13.22 -10.16 -36.65
CA ALA E 52 14.06 -9.39 -35.74
C ALA E 52 13.22 -8.36 -35.00
N LEU E 53 12.34 -7.66 -35.73
CA LEU E 53 11.48 -6.70 -35.08
C LEU E 53 10.56 -7.41 -34.11
N PHE E 54 10.17 -8.64 -34.42
CA PHE E 54 9.26 -9.41 -33.59
C PHE E 54 9.88 -9.66 -32.23
N VAL E 55 11.15 -10.08 -32.24
CA VAL E 55 11.84 -10.37 -30.98
C VAL E 55 12.07 -9.08 -30.20
N VAL E 56 12.54 -8.03 -30.87
CA VAL E 56 12.82 -6.77 -30.18
C VAL E 56 11.53 -6.17 -29.60
N GLY E 57 10.45 -6.19 -30.38
CA GLY E 57 9.19 -5.66 -29.91
C GLY E 57 8.61 -6.46 -28.76
N ILE E 58 8.60 -7.79 -28.87
CA ILE E 58 8.00 -8.58 -27.81
C ILE E 58 8.80 -8.38 -26.54
N ALA E 59 10.14 -8.34 -26.64
CA ALA E 59 10.96 -8.18 -25.46
C ALA E 59 10.67 -6.83 -24.81
N GLY E 60 10.64 -5.76 -25.61
CA GLY E 60 10.43 -4.44 -25.06
C GLY E 60 9.06 -4.30 -24.41
N ASN E 61 8.02 -4.82 -25.07
CA ASN E 61 6.67 -4.69 -24.55
C ASN E 61 6.50 -5.50 -23.27
N LEU E 62 7.07 -6.71 -23.23
CA LEU E 62 6.99 -7.49 -22.00
C LEU E 62 7.73 -6.78 -20.88
N LEU E 63 8.90 -6.19 -21.19
CA LEU E 63 9.65 -5.54 -20.14
C LEU E 63 8.83 -4.38 -19.59
N THR E 64 8.17 -3.63 -20.49
CA THR E 64 7.42 -2.47 -20.07
C THR E 64 6.28 -2.88 -19.15
N MET E 65 5.55 -3.93 -19.53
CA MET E 65 4.41 -4.35 -18.73
C MET E 65 4.86 -4.89 -17.38
N LEU E 66 5.92 -5.70 -17.38
CA LEU E 66 6.38 -6.31 -16.13
C LEU E 66 6.86 -5.22 -15.18
N VAL E 67 7.62 -4.26 -15.70
CA VAL E 67 8.16 -3.21 -14.85
C VAL E 67 7.02 -2.39 -14.27
N VAL E 68 6.03 -2.03 -15.10
CA VAL E 68 4.95 -1.19 -14.60
C VAL E 68 4.13 -1.96 -13.57
N SER E 69 3.92 -3.25 -13.82
CA SER E 69 3.12 -4.07 -12.91
C SER E 69 3.78 -4.22 -11.55
N ARG E 70 5.09 -4.45 -11.51
CA ARG E 70 5.71 -4.74 -10.22
C ARG E 70 6.20 -3.52 -9.45
N PHE E 71 6.47 -2.43 -10.14
CA PHE E 71 7.10 -1.28 -9.45
C PHE E 71 6.08 -0.15 -9.29
N ARG E 72 5.73 0.17 -8.06
CA ARG E 72 4.72 1.22 -7.77
C ARG E 72 5.20 2.59 -8.23
N GLU E 73 6.48 2.90 -8.07
CA GLU E 73 7.02 4.24 -8.43
C GLU E 73 6.88 4.51 -9.93
N LEU E 74 6.71 3.48 -10.74
CA LEU E 74 6.64 3.56 -12.19
C LEU E 74 5.20 3.43 -12.68
N ARG E 75 4.23 3.46 -11.76
CA ARG E 75 2.82 3.42 -12.13
C ARG E 75 2.29 4.85 -12.34
N THR E 76 2.89 5.54 -13.29
CA THR E 76 2.49 6.91 -13.62
C THR E 76 1.52 6.90 -14.78
N THR E 77 0.96 8.08 -15.08
CA THR E 77 0.01 8.17 -16.17
C THR E 77 0.69 7.79 -17.48
N THR E 78 1.93 8.26 -17.67
CA THR E 78 2.64 7.98 -18.89
C THR E 78 2.86 6.48 -19.02
N ASN E 79 3.23 5.84 -17.92
CA ASN E 79 3.51 4.40 -17.93
C ASN E 79 2.23 3.62 -18.19
N LEU E 80 1.09 4.11 -17.68
CA LEU E 80 -0.18 3.46 -17.97
C LEU E 80 -0.48 3.52 -19.46
N TYR E 81 -0.25 4.68 -20.08
CA TYR E 81 -0.44 4.78 -21.52
C TYR E 81 0.51 3.82 -22.25
N LEU E 82 1.77 3.76 -21.81
CA LEU E 82 2.72 2.88 -22.51
C LEU E 82 2.38 1.42 -22.28
N SER E 83 1.83 1.06 -21.12
CA SER E 83 1.41 -0.31 -20.89
C SER E 83 0.28 -0.69 -21.83
N SER E 84 -0.70 0.20 -22.02
CA SER E 84 -1.75 -0.08 -23.00
C SER E 84 -1.16 -0.19 -24.39
N MET E 85 -0.23 0.71 -24.72
CA MET E 85 0.38 0.70 -26.04
C MET E 85 1.20 -0.57 -26.23
N ALA E 86 1.82 -1.05 -25.14
CA ALA E 86 2.61 -2.27 -25.17
C ALA E 86 1.71 -3.46 -25.46
N PHE E 87 0.52 -3.49 -24.86
CA PHE E 87 -0.42 -4.56 -25.15
C PHE E 87 -0.84 -4.50 -26.62
N SER E 88 -1.05 -3.29 -27.13
CA SER E 88 -1.44 -3.12 -28.53
C SER E 88 -0.33 -3.64 -29.44
N ASP E 89 0.91 -3.28 -29.13
CA ASP E 89 2.05 -3.72 -29.97
C ASP E 89 2.19 -5.23 -29.86
N LEU E 90 1.90 -5.79 -28.69
CA LEU E 90 2.07 -7.25 -28.46
C LEU E 90 1.13 -8.01 -29.41
N LEU E 91 -0.10 -7.54 -29.57
CA LEU E 91 -1.08 -8.23 -30.46
C LEU E 91 -0.70 -7.96 -31.92
N ILE E 92 -0.30 -6.73 -32.25
CA ILE E 92 0.17 -6.42 -33.62
C ILE E 92 1.30 -7.40 -33.96
N PHE E 93 2.02 -7.86 -32.94
CA PHE E 93 3.15 -8.78 -33.19
C PHE E 93 2.62 -10.20 -33.29
N LEU E 94 1.64 -10.54 -32.46
CA LEU E 94 1.06 -11.87 -32.50
C LEU E 94 0.37 -12.12 -33.84
N CYS E 95 0.00 -11.06 -34.55
CA CYS E 95 -0.65 -11.18 -35.84
C CYS E 95 0.37 -11.21 -36.98
N MET E 96 1.65 -11.08 -36.67
CA MET E 96 2.72 -11.05 -37.66
C MET E 96 2.87 -12.39 -38.39
N PRO E 97 2.80 -13.54 -37.71
CA PRO E 97 2.87 -14.81 -38.47
C PRO E 97 1.80 -14.98 -39.53
N LEU E 98 0.57 -14.55 -39.28
CA LEU E 98 -0.46 -14.64 -40.31
C LEU E 98 -0.18 -13.69 -41.48
N ASP E 99 0.29 -12.48 -41.21
CA ASP E 99 0.57 -11.58 -42.33
C ASP E 99 1.78 -12.07 -43.10
N LEU E 100 2.78 -12.58 -42.40
CA LEU E 100 3.98 -13.09 -43.05
C LEU E 100 3.62 -14.29 -43.93
N VAL E 101 2.64 -15.07 -43.51
CA VAL E 101 2.13 -16.17 -44.38
C VAL E 101 1.62 -15.64 -45.74
N ARG E 102 0.76 -14.63 -45.77
CA ARG E 102 0.22 -14.02 -47.01
C ARG E 102 1.29 -13.33 -47.86
N LEU E 103 2.25 -12.69 -47.24
CA LEU E 103 3.33 -12.12 -48.08
C LEU E 103 4.14 -13.31 -48.55
N TRP E 104 3.96 -14.51 -47.92
CA TRP E 104 4.69 -15.63 -48.50
C TRP E 104 3.82 -16.42 -49.47
N GLN E 105 2.65 -16.86 -49.02
CA GLN E 105 1.71 -17.56 -49.89
C GLN E 105 0.37 -16.84 -49.83
N TYR E 106 -0.21 -16.60 -51.00
CA TYR E 106 -1.46 -15.81 -51.02
C TYR E 106 -2.59 -16.64 -51.58
N ARG E 107 -2.38 -17.27 -52.74
CA ARG E 107 -3.46 -17.93 -53.45
C ARG E 107 -3.99 -19.23 -52.84
N PRO E 108 -3.18 -20.07 -52.20
CA PRO E 108 -3.72 -21.32 -51.63
C PRO E 108 -4.31 -21.18 -50.23
N TRP E 109 -4.52 -19.95 -49.74
CA TRP E 109 -4.87 -19.70 -48.35
C TRP E 109 -6.09 -20.52 -47.95
N ASN E 110 -5.94 -21.33 -46.90
CA ASN E 110 -7.04 -22.11 -46.35
C ASN E 110 -6.89 -22.16 -44.83
N PHE E 111 -6.88 -20.99 -44.18
CA PHE E 111 -6.81 -20.93 -42.73
C PHE E 111 -8.15 -20.63 -42.08
N GLY E 112 -9.16 -20.27 -42.86
CA GLY E 112 -10.50 -20.02 -42.38
C GLY E 112 -10.92 -18.57 -42.53
N ASP E 113 -12.21 -18.37 -42.82
CA ASP E 113 -12.75 -17.02 -43.00
C ASP E 113 -12.75 -16.25 -41.70
N LEU E 114 -13.14 -16.91 -40.60
CA LEU E 114 -13.11 -16.27 -39.29
C LEU E 114 -11.69 -15.88 -38.91
N LEU E 115 -10.71 -16.71 -39.26
CA LEU E 115 -9.32 -16.35 -39.00
C LEU E 115 -8.90 -15.16 -39.85
N CYS E 116 -9.28 -15.17 -41.13
CA CYS E 116 -8.93 -14.07 -42.02
C CYS E 116 -9.47 -12.75 -41.50
N LYS E 117 -10.71 -12.76 -41.00
CA LYS E 117 -11.27 -11.55 -40.39
C LYS E 117 -10.54 -11.19 -39.09
N LEU E 118 -10.27 -12.18 -38.24
CA LEU E 118 -9.75 -11.92 -36.89
C LEU E 118 -8.33 -11.37 -36.93
N PHE E 119 -7.49 -11.87 -37.83
CA PHE E 119 -6.09 -11.43 -37.83
C PHE E 119 -5.89 -10.10 -38.52
N GLN E 120 -6.96 -9.57 -39.15
CA GLN E 120 -6.93 -8.24 -39.82
C GLN E 120 -7.82 -7.29 -39.04
N PHE E 121 -8.54 -7.78 -38.04
CA PHE E 121 -9.38 -6.95 -37.22
C PHE E 121 -8.60 -6.59 -35.97
N VAL E 122 -7.96 -7.57 -35.35
CA VAL E 122 -7.13 -7.25 -34.21
C VAL E 122 -5.97 -6.36 -34.67
N SER E 123 -5.40 -6.66 -35.84
CA SER E 123 -4.36 -5.81 -36.41
C SER E 123 -4.86 -4.38 -36.66
N GLU E 124 -5.99 -4.20 -37.34
CA GLU E 124 -6.40 -2.81 -37.66
C GLU E 124 -7.04 -2.13 -36.45
N SER E 125 -7.26 -2.83 -35.37
CA SER E 125 -7.86 -2.24 -34.18
C SER E 125 -6.76 -1.81 -33.24
N CYS E 126 -5.75 -2.67 -33.12
CA CYS E 126 -4.58 -2.35 -32.33
C CYS E 126 -3.80 -1.21 -32.97
N THR E 127 -3.74 -1.16 -34.31
CA THR E 127 -3.11 -0.01 -34.95
C THR E 127 -3.82 1.28 -34.57
N TYR E 128 -5.14 1.27 -34.59
CA TYR E 128 -5.87 2.52 -34.28
C TYR E 128 -5.80 2.83 -32.80
N ALA E 129 -5.64 1.84 -31.92
CA ALA E 129 -5.46 2.15 -30.51
C ALA E 129 -4.04 2.61 -30.25
N LYS E 130 -3.08 2.08 -31.01
CA LYS E 130 -1.69 2.50 -30.90
C LYS E 130 -1.55 3.97 -31.24
N VAL E 131 -2.13 4.39 -32.39
CA VAL E 131 -2.04 5.79 -32.79
C VAL E 131 -2.81 6.67 -31.80
N LEU E 132 -3.99 6.21 -31.35
CA LEU E 132 -4.76 7.00 -30.40
C LEU E 132 -4.04 7.14 -29.08
N THR E 133 -3.36 6.07 -28.64
CA THR E 133 -2.58 6.13 -27.41
C THR E 133 -1.41 7.10 -27.56
N ILE E 134 -0.78 7.13 -28.74
CA ILE E 134 0.27 8.12 -28.97
C ILE E 134 -0.30 9.53 -28.86
N THR E 135 -1.50 9.75 -29.42
CA THR E 135 -2.14 11.05 -29.31
C THR E 135 -2.45 11.39 -27.86
N ALA E 136 -2.84 10.41 -27.08
CA ALA E 136 -3.15 10.63 -25.65
C ALA E 136 -1.89 10.94 -24.87
N LEU E 137 -0.78 10.28 -25.19
CA LEU E 137 0.50 10.53 -24.54
C LEU E 137 0.93 11.97 -24.85
N SER E 138 0.71 12.42 -26.07
CA SER E 138 1.09 13.79 -26.48
C SER E 138 0.23 14.78 -25.73
N VAL E 139 -1.03 14.43 -25.51
CA VAL E 139 -1.91 15.34 -24.78
C VAL E 139 -1.50 15.41 -23.32
N GLU E 140 -1.21 14.26 -22.72
CA GLU E 140 -0.79 14.23 -21.33
C GLU E 140 0.52 14.99 -21.15
N ARG E 141 1.46 14.81 -22.08
CA ARG E 141 2.73 15.52 -22.00
C ARG E 141 2.51 17.02 -22.07
N TYR E 142 1.59 17.45 -22.94
CA TYR E 142 1.32 18.87 -23.10
C TYR E 142 0.70 19.43 -21.83
N PHE E 143 -0.28 18.74 -21.25
CA PHE E 143 -0.91 19.27 -20.04
C PHE E 143 0.08 19.27 -18.88
N ALA E 144 0.87 18.21 -18.75
CA ALA E 144 1.84 18.10 -17.67
C ALA E 144 2.89 19.20 -17.75
N ILE E 145 3.34 19.55 -18.95
CA ILE E 145 4.43 20.52 -19.06
C ILE E 145 3.93 21.95 -19.17
N CYS E 146 2.95 22.21 -20.04
CA CYS E 146 2.46 23.56 -20.23
C CYS E 146 1.62 24.04 -19.05
N PHE E 147 0.83 23.14 -18.44
CA PHE E 147 -0.04 23.51 -17.32
C PHE E 147 0.23 22.58 -16.15
N PRO E 148 1.40 22.75 -15.51
CA PRO E 148 1.81 21.77 -14.49
C PRO E 148 0.93 21.72 -13.27
N LEU E 149 0.55 22.87 -12.70
CA LEU E 149 -0.26 22.88 -11.49
C LEU E 149 -1.69 22.48 -11.76
N ARG E 150 -2.27 22.98 -12.85
CA ARG E 150 -3.65 22.63 -13.18
C ARG E 150 -3.77 21.15 -13.50
N ALA E 151 -2.75 20.57 -14.14
CA ALA E 151 -2.76 19.15 -14.46
C ALA E 151 -2.86 18.31 -13.20
N LYS E 152 -2.18 18.72 -12.12
CA LYS E 152 -2.20 17.92 -10.90
C LYS E 152 -3.63 17.78 -10.38
N VAL E 153 -4.40 18.85 -10.44
CA VAL E 153 -5.81 18.80 -10.06
C VAL E 153 -6.62 18.04 -11.11
N VAL E 154 -6.47 18.40 -12.39
CA VAL E 154 -7.37 17.89 -13.41
C VAL E 154 -7.10 16.41 -13.72
N VAL E 155 -5.86 16.01 -13.96
CA VAL E 155 -5.62 14.63 -14.40
C VAL E 155 -5.35 13.75 -13.18
N THR E 156 -6.08 12.64 -13.10
CA THR E 156 -5.95 11.64 -12.05
C THR E 156 -6.09 10.27 -12.68
N LYS E 157 -5.67 9.23 -11.95
CA LYS E 157 -5.68 7.90 -12.53
C LYS E 157 -7.09 7.49 -12.92
N GLY E 158 -8.09 8.03 -12.21
CA GLY E 158 -9.47 7.76 -12.54
C GLY E 158 -9.81 8.25 -13.94
N ARG E 159 -9.26 9.40 -14.32
CA ARG E 159 -9.56 10.01 -15.60
C ARG E 159 -8.57 9.55 -16.66
N VAL E 160 -7.68 8.63 -16.31
CA VAL E 160 -6.78 8.01 -17.28
C VAL E 160 -7.27 6.64 -17.68
N LYS E 161 -7.85 5.92 -16.70
CA LYS E 161 -8.46 4.63 -17.01
C LYS E 161 -9.60 4.81 -18.00
N LEU E 162 -10.37 5.88 -17.82
CA LEU E 162 -11.46 6.20 -18.73
C LEU E 162 -10.93 6.47 -20.13
N VAL E 163 -9.82 7.20 -20.23
CA VAL E 163 -9.25 7.48 -21.54
C VAL E 163 -8.81 6.19 -22.21
N ILE E 164 -8.24 5.26 -21.42
CA ILE E 164 -7.78 4.01 -22.00
C ILE E 164 -8.98 3.23 -22.52
N PHE E 165 -10.07 3.20 -21.74
CA PHE E 165 -11.26 2.47 -22.15
C PHE E 165 -11.86 3.09 -23.40
N VAL E 166 -11.94 4.42 -23.46
CA VAL E 166 -12.51 5.10 -24.62
C VAL E 166 -11.65 4.81 -25.84
N ILE E 167 -10.33 4.83 -25.69
CA ILE E 167 -9.46 4.62 -26.82
C ILE E 167 -9.66 3.22 -27.37
N TRP E 168 -9.75 2.23 -26.48
CA TRP E 168 -9.88 0.85 -26.94
C TRP E 168 -11.24 0.65 -27.61
N ALA E 169 -12.30 1.24 -27.03
CA ALA E 169 -13.62 1.12 -27.62
C ALA E 169 -13.65 1.73 -29.01
N VAL E 170 -13.07 2.92 -29.16
CA VAL E 170 -13.07 3.59 -30.46
C VAL E 170 -12.27 2.76 -31.45
N ALA E 171 -11.17 2.17 -31.00
CA ALA E 171 -10.33 1.37 -31.88
C ALA E 171 -11.10 0.17 -32.39
N PHE E 172 -11.83 -0.51 -31.51
CA PHE E 172 -12.59 -1.68 -31.91
C PHE E 172 -13.73 -1.29 -32.86
N CYS E 173 -14.45 -0.22 -32.54
CA CYS E 173 -15.57 0.21 -33.37
C CYS E 173 -15.11 0.62 -34.76
N SER E 174 -14.02 1.39 -34.83
CA SER E 174 -13.49 1.85 -36.11
C SER E 174 -13.07 0.70 -37.00
N ALA E 175 -12.53 -0.36 -36.43
CA ALA E 175 -12.05 -1.50 -37.21
C ALA E 175 -13.09 -2.60 -37.36
N GLY E 176 -14.32 -2.42 -36.84
CA GLY E 176 -15.37 -3.38 -37.03
C GLY E 176 -15.74 -3.69 -38.46
N PRO E 177 -15.76 -2.69 -39.37
CA PRO E 177 -16.09 -2.98 -40.77
C PRO E 177 -15.12 -3.91 -41.49
N ILE E 178 -14.04 -4.30 -40.82
CA ILE E 178 -13.08 -5.24 -41.47
C ILE E 178 -13.80 -6.58 -41.62
N PHE E 179 -14.77 -6.84 -40.75
CA PHE E 179 -15.54 -8.11 -40.79
C PHE E 179 -16.37 -8.15 -42.08
N VAL E 180 -16.99 -7.02 -42.44
CA VAL E 180 -17.83 -6.94 -43.66
C VAL E 180 -16.97 -6.77 -44.91
N LEU E 181 -15.66 -6.65 -44.74
CA LEU E 181 -14.79 -6.35 -45.91
C LEU E 181 -13.78 -7.47 -46.14
N VAL E 182 -13.08 -7.93 -45.11
CA VAL E 182 -12.00 -8.95 -45.36
C VAL E 182 -12.54 -10.37 -45.23
N GLY E 183 -12.68 -11.03 -46.36
CA GLY E 183 -13.28 -12.35 -46.29
C GLY E 183 -12.78 -13.24 -47.41
N VAL E 184 -12.58 -14.52 -47.09
CA VAL E 184 -12.04 -15.45 -48.07
C VAL E 184 -12.97 -15.54 -49.27
N GLU E 185 -12.38 -15.50 -50.47
CA GLU E 185 -13.12 -15.62 -51.71
C GLU E 185 -12.40 -16.59 -52.64
N HIS E 186 -13.17 -17.29 -53.47
CA HIS E 186 -12.62 -18.23 -54.43
C HIS E 186 -13.01 -17.81 -55.84
N GLU E 187 -12.16 -18.15 -56.80
CA GLU E 187 -12.38 -17.84 -58.21
C GLU E 187 -12.94 -19.07 -58.91
N GLN E 188 -13.91 -18.86 -59.79
CA GLN E 188 -14.46 -19.97 -60.56
C GLN E 188 -13.39 -20.52 -61.49
N GLY E 189 -13.53 -21.80 -61.85
CA GLY E 189 -12.59 -22.49 -62.69
C GLY E 189 -11.67 -23.43 -61.93
N THR E 190 -11.49 -23.20 -60.63
CA THR E 190 -10.79 -24.09 -59.74
C THR E 190 -11.62 -24.21 -58.45
N ASP E 191 -11.43 -25.32 -57.74
CA ASP E 191 -12.26 -25.63 -56.60
C ASP E 191 -11.94 -24.67 -55.44
N PRO E 192 -12.78 -24.64 -54.41
CA PRO E 192 -12.59 -23.64 -53.33
C PRO E 192 -11.19 -23.65 -52.73
N TRP E 193 -10.63 -24.80 -52.39
CA TRP E 193 -9.35 -24.78 -51.71
C TRP E 193 -8.24 -24.29 -52.64
N ASP E 194 -8.41 -24.50 -53.94
CA ASP E 194 -7.35 -24.19 -54.91
C ASP E 194 -6.95 -22.71 -54.92
N THR E 195 -7.92 -21.77 -54.91
CA THR E 195 -7.49 -20.38 -55.04
C THR E 195 -8.00 -19.38 -54.00
N ASN E 196 -8.41 -19.80 -52.81
CA ASN E 196 -8.82 -18.84 -51.76
C ASN E 196 -7.71 -17.89 -51.33
N GLU E 197 -8.03 -16.60 -51.29
CA GLU E 197 -7.06 -15.57 -50.89
C GLU E 197 -7.73 -14.76 -49.80
N CYS E 198 -7.04 -14.57 -48.68
CA CYS E 198 -7.57 -13.71 -47.61
C CYS E 198 -7.33 -12.26 -48.04
N ARG E 199 -8.24 -11.77 -48.84
CA ARG E 199 -8.24 -10.43 -49.39
C ARG E 199 -9.62 -9.83 -49.16
N PRO E 200 -9.76 -8.48 -49.22
CA PRO E 200 -11.06 -7.84 -49.15
C PRO E 200 -12.02 -8.42 -50.19
N THR E 201 -13.32 -8.45 -49.89
CA THR E 201 -14.33 -9.02 -50.77
C THR E 201 -14.45 -8.19 -52.06
N GLU E 202 -15.16 -8.74 -53.04
CA GLU E 202 -15.41 -7.99 -54.26
C GLU E 202 -16.59 -7.05 -54.09
N PHE E 203 -17.44 -7.28 -53.09
CA PHE E 203 -18.50 -6.33 -52.78
C PHE E 203 -17.90 -5.01 -52.34
N ALA E 204 -16.83 -5.07 -51.56
CA ALA E 204 -16.12 -3.89 -51.08
C ALA E 204 -15.46 -3.14 -52.23
N VAL E 205 -15.08 -3.85 -53.30
CA VAL E 205 -14.45 -3.23 -54.46
C VAL E 205 -15.47 -2.71 -55.47
N ARG E 206 -16.57 -3.44 -55.70
CA ARG E 206 -17.59 -2.91 -56.62
C ARG E 206 -18.34 -1.73 -56.01
N SER E 207 -18.73 -1.85 -54.74
CA SER E 207 -19.26 -0.70 -54.03
C SER E 207 -18.09 0.07 -53.47
N GLY E 208 -18.24 1.37 -53.29
CA GLY E 208 -17.07 2.11 -52.88
C GLY E 208 -16.86 2.04 -51.38
N LEU E 209 -16.96 0.83 -50.85
CA LEU E 209 -16.77 0.60 -49.41
C LEU E 209 -15.30 0.74 -49.03
N LEU E 210 -14.43 -0.01 -49.70
CA LEU E 210 -12.98 0.11 -49.46
C LEU E 210 -12.55 1.57 -49.48
N THR E 211 -12.71 2.29 -50.59
CA THR E 211 -12.16 3.63 -50.70
C THR E 211 -12.61 4.47 -49.52
N VAL E 212 -13.87 4.33 -49.12
CA VAL E 212 -14.38 5.09 -48.00
C VAL E 212 -13.67 4.74 -46.71
N MET E 213 -13.26 3.47 -46.57
CA MET E 213 -12.66 3.02 -45.30
C MET E 213 -11.15 3.23 -45.32
N VAL E 214 -10.59 3.54 -46.50
CA VAL E 214 -9.14 3.89 -46.55
C VAL E 214 -9.08 5.39 -46.32
N TRP E 215 -10.17 6.10 -46.57
CA TRP E 215 -10.27 7.52 -46.21
C TRP E 215 -10.65 7.70 -44.74
N VAL E 216 -11.54 6.86 -44.22
CA VAL E 216 -11.90 6.96 -42.80
C VAL E 216 -10.69 6.62 -41.94
N SER E 217 -9.85 5.73 -42.45
CA SER E 217 -8.66 5.38 -41.67
C SER E 217 -7.71 6.56 -41.70
N SER E 218 -7.69 7.32 -42.78
CA SER E 218 -6.73 8.41 -42.90
C SER E 218 -6.87 9.41 -41.76
N ILE E 219 -8.04 9.49 -41.12
CA ILE E 219 -8.19 10.35 -39.95
C ILE E 219 -7.21 9.92 -38.87
N PHE E 220 -6.94 8.62 -38.77
CA PHE E 220 -6.06 8.08 -37.74
C PHE E 220 -4.62 8.53 -37.97
N PHE E 221 -4.32 9.08 -39.15
CA PHE E 221 -3.03 9.68 -39.42
C PHE E 221 -3.10 11.20 -39.29
N PHE E 222 -4.11 11.83 -39.91
CA PHE E 222 -4.16 13.28 -39.92
C PHE E 222 -4.35 13.84 -38.51
N LEU E 223 -5.28 13.27 -37.74
CA LEU E 223 -5.55 13.78 -36.40
C LEU E 223 -4.35 13.63 -35.48
N PRO E 224 -3.70 12.45 -35.40
CA PRO E 224 -2.48 12.36 -34.59
C PRO E 224 -1.35 13.23 -35.08
N VAL E 225 -1.10 13.31 -36.39
CA VAL E 225 0.04 14.09 -36.84
C VAL E 225 -0.15 15.55 -36.46
N PHE E 226 -1.38 16.06 -36.63
CA PHE E 226 -1.66 17.45 -36.27
C PHE E 226 -1.55 17.65 -34.76
N CYS E 227 -2.14 16.73 -33.98
CA CYS E 227 -2.11 16.89 -32.53
C CYS E 227 -0.67 16.87 -32.01
N LEU E 228 0.12 15.90 -32.48
CA LEU E 228 1.48 15.78 -31.99
C LEU E 228 2.29 16.99 -32.41
N THR E 229 2.18 17.41 -33.67
CA THR E 229 3.03 18.51 -34.13
C THR E 229 2.69 19.79 -33.38
N VAL E 230 1.40 20.10 -33.26
CA VAL E 230 1.03 21.35 -32.58
C VAL E 230 1.39 21.30 -31.11
N LEU E 231 1.06 20.20 -30.42
CA LEU E 231 1.32 20.15 -28.98
C LEU E 231 2.81 20.14 -28.70
N TYR E 232 3.58 19.35 -29.45
CA TYR E 232 5.01 19.27 -29.21
C TYR E 232 5.69 20.59 -29.52
N SER E 233 5.25 21.28 -30.59
CA SER E 233 5.81 22.59 -30.88
C SER E 233 5.50 23.57 -29.78
N LEU E 234 4.28 23.49 -29.20
CA LEU E 234 3.95 24.35 -28.07
C LEU E 234 4.84 24.06 -26.87
N ILE E 235 5.09 22.77 -26.59
CA ILE E 235 5.96 22.39 -25.49
C ILE E 235 7.37 22.92 -25.73
N GLY E 236 7.85 22.80 -26.97
CA GLY E 236 9.17 23.32 -27.29
C GLY E 236 9.22 24.82 -27.12
N ARG E 237 8.16 25.50 -27.52
CA ARG E 237 8.11 26.95 -27.40
C ARG E 237 8.21 27.36 -25.95
N LYS E 238 7.42 26.70 -25.09
CA LYS E 238 7.42 27.04 -23.67
C LYS E 238 8.78 26.76 -23.04
N LEU E 239 9.36 25.60 -23.35
CA LEU E 239 10.64 25.25 -22.76
C LEU E 239 11.71 26.22 -23.22
N TRP E 240 11.72 26.56 -24.52
CA TRP E 240 12.74 27.46 -25.04
C TRP E 240 12.58 28.84 -24.40
N ARG E 241 11.34 29.29 -24.26
CA ARG E 241 11.09 30.60 -23.68
C ARG E 241 11.60 30.66 -22.24
N ARG E 242 11.41 29.57 -21.49
CA ARG E 242 11.79 29.58 -20.08
C ARG E 242 13.27 29.87 -19.90
N ARG E 243 14.12 29.33 -20.78
CA ARG E 243 15.55 29.55 -20.67
C ARG E 243 16.00 30.68 -21.59
N ASP E 255 19.35 25.92 -22.05
CA ASP E 255 19.79 24.80 -21.23
C ASP E 255 19.94 23.53 -22.07
N GLN E 256 20.95 22.73 -21.74
CA GLN E 256 21.23 21.52 -22.50
C GLN E 256 20.09 20.52 -22.38
N ASN E 257 19.50 20.42 -21.18
CA ASN E 257 18.41 19.47 -20.96
C ASN E 257 17.21 19.82 -21.83
N HIS E 258 16.89 21.10 -21.95
CA HIS E 258 15.78 21.53 -22.79
C HIS E 258 16.04 21.19 -24.24
N LYS E 259 17.29 21.36 -24.70
CA LYS E 259 17.62 21.00 -26.07
C LYS E 259 17.42 19.50 -26.25
N GLN E 260 17.88 18.72 -25.28
CA GLN E 260 17.66 17.26 -25.37
C GLN E 260 16.16 17.00 -25.46
N THR E 261 15.37 17.71 -24.67
CA THR E 261 13.92 17.46 -24.65
C THR E 261 13.32 17.73 -26.02
N VAL E 262 13.70 18.83 -26.67
CA VAL E 262 13.03 19.20 -27.96
C VAL E 262 13.59 18.30 -29.05
N LYS E 263 14.79 17.79 -28.87
CA LYS E 263 15.31 16.80 -29.80
C LYS E 263 14.49 15.52 -29.72
N MET E 264 14.16 15.08 -28.51
CA MET E 264 13.34 13.89 -28.35
C MET E 264 11.96 14.08 -28.96
N LEU E 265 11.37 15.26 -28.75
CA LEU E 265 10.03 15.51 -29.29
C LEU E 265 10.07 15.49 -30.82
N ALA E 266 11.10 16.09 -31.40
CA ALA E 266 11.24 16.06 -32.85
C ALA E 266 11.46 14.65 -33.36
N VAL E 267 12.25 13.85 -32.62
CA VAL E 267 12.50 12.47 -33.04
C VAL E 267 11.23 11.64 -33.03
N VAL E 268 10.41 11.77 -31.99
CA VAL E 268 9.16 11.02 -31.95
C VAL E 268 8.22 11.47 -33.07
N VAL E 269 8.16 12.79 -33.34
CA VAL E 269 7.33 13.25 -34.44
C VAL E 269 7.82 12.68 -35.76
N PHE E 270 9.14 12.68 -35.98
CA PHE E 270 9.67 12.21 -37.25
C PHE E 270 9.42 10.73 -37.41
N ALA E 271 9.57 9.97 -36.32
CA ALA E 271 9.34 8.53 -36.39
C ALA E 271 7.87 8.25 -36.71
N PHE E 272 6.96 9.01 -36.10
CA PHE E 272 5.54 8.84 -36.41
C PHE E 272 5.28 9.11 -37.90
N ILE E 273 5.81 10.22 -38.41
CA ILE E 273 5.50 10.56 -39.81
C ILE E 273 6.10 9.52 -40.75
N LEU E 274 7.34 9.12 -40.49
CA LEU E 274 8.04 8.20 -41.37
C LEU E 274 7.36 6.83 -41.37
N CYS E 275 6.99 6.34 -40.19
CA CYS E 275 6.33 5.06 -40.07
C CYS E 275 4.92 5.06 -40.68
N TRP E 276 4.15 6.12 -40.48
CA TRP E 276 2.73 6.07 -40.86
C TRP E 276 2.39 6.64 -42.22
N LEU E 277 3.10 7.64 -42.73
CA LEU E 277 2.72 8.19 -44.04
C LEU E 277 2.82 7.13 -45.14
N PRO E 278 3.87 6.32 -45.24
CA PRO E 278 3.87 5.25 -46.25
C PRO E 278 2.72 4.27 -46.10
N PHE E 279 2.31 3.94 -44.88
CA PHE E 279 1.20 3.01 -44.67
C PHE E 279 -0.09 3.54 -45.28
N HIS E 280 -0.41 4.81 -45.00
CA HIS E 280 -1.65 5.38 -45.50
C HIS E 280 -1.59 5.63 -47.00
N VAL E 281 -0.42 6.04 -47.50
CA VAL E 281 -0.27 6.19 -48.95
C VAL E 281 -0.46 4.84 -49.61
N GLY E 282 0.07 3.77 -49.01
CA GLY E 282 -0.01 2.47 -49.62
C GLY E 282 -1.44 2.01 -49.68
N ARG E 283 -2.16 2.18 -48.58
CA ARG E 283 -3.57 1.71 -48.52
C ARG E 283 -4.42 2.54 -49.46
N TYR E 284 -4.13 3.83 -49.66
CA TYR E 284 -4.84 4.64 -50.64
C TYR E 284 -4.52 4.19 -52.06
N LEU E 285 -3.26 3.82 -52.31
CA LEU E 285 -2.91 3.29 -53.63
C LEU E 285 -3.59 1.95 -53.86
N PHE E 286 -3.79 1.16 -52.82
CA PHE E 286 -4.49 -0.14 -52.91
C PHE E 286 -5.93 0.10 -53.28
N SER E 287 -6.53 1.20 -52.84
CA SER E 287 -7.88 1.57 -53.23
C SER E 287 -7.98 1.93 -54.71
N LYS E 288 -7.01 2.68 -55.22
CA LYS E 288 -6.99 3.05 -56.64
C LYS E 288 -6.60 1.89 -57.53
N SER E 289 -5.87 0.92 -56.99
CA SER E 289 -5.38 -0.21 -57.77
C SER E 289 -6.54 -1.02 -58.34
N PHE E 290 -7.58 -1.22 -57.52
CA PHE E 290 -8.79 -1.97 -57.87
C PHE E 290 -9.65 -1.25 -58.91
N GLU E 291 -9.25 -0.04 -59.37
CA GLU E 291 -9.94 0.75 -60.39
C GLU E 291 -9.34 0.49 -61.77
N PRO E 292 -10.13 0.68 -62.83
CA PRO E 292 -9.61 0.42 -64.18
C PRO E 292 -8.57 1.45 -64.60
N GLY E 293 -7.76 1.05 -65.58
CA GLY E 293 -6.74 1.94 -66.09
C GLY E 293 -5.46 1.96 -65.28
N SER E 294 -5.36 1.15 -64.24
CA SER E 294 -4.23 1.17 -63.31
C SER E 294 -3.46 -0.16 -63.38
N LEU E 295 -2.30 -0.12 -64.05
CA LEU E 295 -1.37 -1.24 -64.06
C LEU E 295 -0.01 -0.84 -63.54
N GLU E 296 0.30 0.46 -63.54
CA GLU E 296 1.53 0.97 -62.95
C GLU E 296 1.43 0.88 -61.43
N ILE E 297 0.23 1.14 -60.91
CA ILE E 297 -0.02 1.04 -59.48
C ILE E 297 -0.03 -0.42 -59.03
N ALA E 298 -0.03 -1.38 -59.96
CA ALA E 298 0.12 -2.78 -59.57
C ALA E 298 1.48 -3.00 -58.91
N GLN E 299 2.53 -2.44 -59.53
CA GLN E 299 3.86 -2.44 -58.92
C GLN E 299 3.94 -1.46 -57.76
N ILE E 300 3.38 -0.26 -57.93
CA ILE E 300 3.55 0.76 -56.89
C ILE E 300 2.91 0.33 -55.58
N SER E 301 1.71 -0.21 -55.62
CA SER E 301 1.08 -0.50 -54.32
C SER E 301 1.80 -1.67 -53.65
N GLN E 302 2.09 -2.72 -54.40
CA GLN E 302 2.59 -3.94 -53.73
C GLN E 302 3.94 -3.64 -53.07
N TYR E 303 4.73 -2.68 -53.60
CA TYR E 303 6.06 -2.25 -53.08
C TYR E 303 5.90 -1.23 -51.95
N CYS E 304 5.07 -0.22 -52.18
CA CYS E 304 4.80 0.70 -51.08
C CYS E 304 4.20 -0.05 -49.90
N ASN E 305 3.40 -1.06 -50.23
CA ASN E 305 2.72 -1.85 -49.17
C ASN E 305 3.71 -2.76 -48.42
N LEU E 306 4.79 -3.24 -49.04
CA LEU E 306 5.75 -3.99 -48.23
C LEU E 306 6.72 -3.06 -47.50
N VAL E 307 7.04 -1.89 -48.06
CA VAL E 307 7.84 -0.95 -47.28
C VAL E 307 7.04 -0.54 -46.05
N SER E 308 5.73 -0.38 -46.28
CA SER E 308 4.75 0.00 -45.25
C SER E 308 4.55 -1.16 -44.28
N PHE E 309 5.05 -2.36 -44.63
CA PHE E 309 4.90 -3.58 -43.79
C PHE E 309 6.05 -3.59 -42.82
N VAL E 310 7.23 -3.32 -43.38
CA VAL E 310 8.42 -3.25 -42.55
C VAL E 310 8.31 -2.09 -41.58
N LEU E 311 7.88 -0.92 -42.06
CA LEU E 311 7.78 0.24 -41.19
C LEU E 311 6.72 0.00 -40.11
N PHE E 312 5.66 -0.73 -40.46
CA PHE E 312 4.55 -1.00 -39.54
C PHE E 312 5.05 -1.80 -38.36
N TYR E 313 5.90 -2.79 -38.61
CA TYR E 313 6.39 -3.59 -37.50
C TYR E 313 7.55 -2.88 -36.80
N LEU E 314 8.30 -2.08 -37.55
CA LEU E 314 9.39 -1.29 -36.97
C LEU E 314 8.84 -0.34 -35.93
N SER E 315 7.66 0.23 -36.20
CA SER E 315 7.06 1.17 -35.26
C SER E 315 6.82 0.47 -33.93
N ALA E 316 6.26 -0.73 -33.98
CA ALA E 316 5.88 -1.43 -32.77
C ALA E 316 7.12 -1.85 -32.01
N ALA E 317 8.19 -2.20 -32.75
CA ALA E 317 9.43 -2.57 -32.09
C ALA E 317 10.07 -1.36 -31.39
N ILE E 318 10.09 -0.20 -32.05
CA ILE E 318 10.82 0.94 -31.47
C ILE E 318 10.01 1.79 -30.49
N ASN E 319 8.69 1.66 -30.48
CA ASN E 319 7.89 2.56 -29.64
C ASN E 319 8.17 2.42 -28.15
N PRO E 320 8.31 1.22 -27.58
CA PRO E 320 8.69 1.15 -26.15
C PRO E 320 10.03 1.81 -25.89
N ILE E 321 10.97 1.63 -26.81
CA ILE E 321 12.28 2.26 -26.69
C ILE E 321 12.17 3.78 -26.77
N LEU E 322 11.36 4.29 -27.70
CA LEU E 322 11.29 5.73 -27.92
C LEU E 322 10.77 6.48 -26.70
N TYR E 323 9.84 5.89 -25.97
CA TYR E 323 9.18 6.61 -24.88
C TYR E 323 9.71 6.26 -23.50
N ASN E 324 10.64 5.32 -23.39
CA ASN E 324 11.12 4.87 -22.09
C ASN E 324 12.64 4.85 -21.95
N ILE E 325 13.40 5.07 -23.03
CA ILE E 325 14.84 4.93 -22.96
C ILE E 325 15.47 6.02 -22.09
N MET E 326 14.85 7.21 -22.03
CA MET E 326 15.43 8.35 -21.31
C MET E 326 14.85 8.52 -19.91
N SER E 327 14.06 7.56 -19.44
CA SER E 327 13.54 7.57 -18.07
C SER E 327 14.48 6.77 -17.19
N LYS E 328 15.19 7.44 -16.27
CA LYS E 328 16.17 6.74 -15.46
C LYS E 328 15.49 5.74 -14.53
N LYS E 329 14.30 6.06 -14.03
CA LYS E 329 13.59 5.15 -13.14
C LYS E 329 13.27 3.85 -13.87
N TYR E 330 12.91 3.98 -15.15
CA TYR E 330 12.61 2.79 -15.94
C TYR E 330 13.86 1.94 -16.12
N ARG E 331 15.00 2.57 -16.43
CA ARG E 331 16.21 1.79 -16.68
C ARG E 331 16.64 1.08 -15.41
N VAL E 332 16.58 1.77 -14.26
CA VAL E 332 17.02 1.15 -13.03
C VAL E 332 16.06 0.03 -12.65
N ALA E 333 14.78 0.16 -13.02
CA ALA E 333 13.84 -0.91 -12.70
C ALA E 333 13.99 -2.10 -13.65
N VAL E 334 14.36 -1.88 -14.91
CA VAL E 334 14.61 -3.01 -15.79
C VAL E 334 15.90 -3.70 -15.37
N PHE E 335 16.82 -2.97 -14.76
CA PHE E 335 18.04 -3.60 -14.24
C PHE E 335 17.68 -4.35 -12.96
N ARG E 336 16.79 -3.79 -12.16
CA ARG E 336 16.34 -4.49 -10.92
C ARG E 336 15.61 -5.77 -11.29
N LEU E 337 14.72 -5.71 -12.28
CA LEU E 337 13.96 -6.89 -12.71
C LEU E 337 14.84 -8.00 -13.27
N LEU E 338 15.90 -7.63 -13.98
CA LEU E 338 16.80 -8.59 -14.59
C LEU E 338 17.98 -8.88 -13.65
N GLY E 339 18.79 -9.86 -14.02
CA GLY E 339 19.99 -10.13 -13.26
C GLY E 339 21.00 -8.99 -13.32
N PHE E 340 21.15 -8.39 -14.49
CA PHE E 340 22.15 -7.34 -14.68
C PHE E 340 21.88 -6.15 -13.77
N GLY F 1 -2.13 -3.25 -40.80
CA GLY F 1 -2.07 -4.32 -41.80
C GLY F 1 -1.97 -3.77 -43.21
N SER F 2 -0.80 -3.96 -43.81
CA SER F 2 -0.50 -3.42 -45.16
C SER F 2 -1.27 -4.19 -46.22
N PHE F 4 -2.32 -5.96 -49.44
CA PHE F 4 -1.44 -6.55 -50.45
C PHE F 4 -2.26 -6.92 -51.63
N LEU F 5 -1.63 -6.96 -52.79
CA LEU F 5 -2.44 -7.18 -54.01
C LEU F 5 -2.35 -8.64 -54.44
N SER F 6 -3.44 -9.16 -54.97
CA SER F 6 -3.44 -10.54 -55.51
C SER F 6 -2.41 -10.56 -56.63
N PRO F 7 -1.61 -11.63 -56.87
CA PRO F 7 -0.69 -11.65 -58.02
C PRO F 7 -1.48 -11.87 -59.31
N GLU F 8 -2.81 -11.81 -59.21
CA GLU F 8 -3.68 -12.05 -60.40
C GLU F 8 -4.63 -10.86 -60.60
N HIS F 9 -4.10 -9.63 -60.63
CA HIS F 9 -4.96 -8.47 -60.95
C HIS F 9 -5.04 -8.34 -62.48
N GLN F 10 -5.67 -9.32 -63.13
CA GLN F 10 -5.75 -9.33 -64.61
C GLN F 10 -6.86 -8.37 -65.04
N ARG F 11 -7.95 -8.30 -64.25
CA ARG F 11 -9.09 -7.40 -64.56
C ARG F 11 -9.61 -7.72 -65.96
N VAL F 12 -9.61 -9.00 -66.34
CA VAL F 12 -10.07 -9.42 -67.69
C VAL F 12 -11.45 -10.08 -67.54
#